data_1MGO
#
_entry.id   1MGO
#
_cell.length_a   44.144
_cell.length_b   51.308
_cell.length_c   93.481
_cell.angle_alpha   91.98
_cell.angle_beta   103.01
_cell.angle_gamma   109.81
#
_symmetry.space_group_name_H-M   'P 1'
#
loop_
_entity.id
_entity.type
_entity.pdbx_description
1 polymer 'Alcohol Dehydrogenase E chain'
2 non-polymer 'ZINC ION'
3 non-polymer NICOTINAMIDE-ADENINE-DINUCLEOTIDE
4 non-polymer '2,3,4,5,6-PENTAFLUOROBENZYL ALCOHOL'
5 non-polymer (4S)-2-METHYL-2,4-PENTANEDIOL
6 water water
#
_entity_poly.entity_id   1
_entity_poly.type   'polypeptide(L)'
_entity_poly.pdbx_seq_one_letter_code
;STAGKVIKCKAAVLWEEKKPFSIEEVEVAPPKAHEVRIKMVATGICRSDDHVVSGTLVTPLPVIAGHEAAGIVESIGEGV
TTVRPGDKVIPLATPQCGKCRVCKHPEGNFCLKNDLSMPRGTMQDGTSRFTCRGKPIHHFLGTSTFSQYTVVDEISVAKI
DAASPLEKVCLIGCGFSTGYGSAVKVAKVTQGSTCAVFGLGGVGLSVIMGCKAAGAARIIGVDINKDKFAKAKEVGATEC
VNPQDYKKPIQEVLTEMSNGGVDFSFEVIGRLDTMVTALSCCQEAYGVSVIVGVPPDSQNLSMNPMLLLSGRTWKGAIFG
GFKSKDSVPKLVADFMAKKFALDPLITHVLPFEKINEGFDLLRSGESIRTILTF
;
_entity_poly.pdbx_strand_id   A,B
#
loop_
_chem_comp.id
_chem_comp.type
_chem_comp.name
_chem_comp.formula
MPD non-polymer (4S)-2-METHYL-2,4-PENTANEDIOL 'C6 H14 O2'
NAD non-polymer NICOTINAMIDE-ADENINE-DINUCLEOTIDE 'C21 H27 N7 O14 P2'
PFB non-polymer '2,3,4,5,6-PENTAFLUOROBENZYL ALCOHOL' 'C7 H3 F5 O'
ZN non-polymer 'ZINC ION' 'Zn 2'
#
# COMPACT_ATOMS: atom_id res chain seq x y z
N SER A 1 -5.05 -53.24 8.05
CA SER A 1 -4.64 -52.08 8.91
C SER A 1 -5.79 -51.06 9.03
N THR A 2 -5.52 -49.77 8.80
CA THR A 2 -6.60 -48.79 8.56
C THR A 2 -6.68 -48.31 7.12
N ALA A 3 -5.62 -48.49 6.30
CA ALA A 3 -5.61 -47.97 4.94
C ALA A 3 -6.78 -48.53 4.14
N GLY A 4 -7.50 -47.66 3.44
CA GLY A 4 -8.57 -48.06 2.53
C GLY A 4 -9.89 -48.17 3.23
N LYS A 5 -9.87 -48.04 4.54
CA LYS A 5 -11.03 -48.20 5.41
C LYS A 5 -11.45 -46.89 6.07
N VAL A 6 -12.72 -46.77 6.38
CA VAL A 6 -13.26 -45.69 7.16
C VAL A 6 -12.68 -45.77 8.55
N ILE A 7 -12.25 -44.64 9.07
CA ILE A 7 -11.75 -44.58 10.42
C ILE A 7 -12.79 -43.90 11.30
N LYS A 8 -13.12 -44.54 12.42
CA LYS A 8 -13.89 -43.92 13.47
C LYS A 8 -12.93 -43.36 14.50
N CYS A 9 -13.00 -42.07 14.77
CA CYS A 9 -12.07 -41.44 15.71
C CYS A 9 -12.74 -40.29 16.43
N LYS A 10 -11.99 -39.66 17.32
CA LYS A 10 -12.44 -38.52 18.06
C LYS A 10 -12.11 -37.21 17.27
N ALA A 11 -13.04 -36.27 17.31
CA ALA A 11 -12.85 -34.92 16.76
C ALA A 11 -13.64 -33.87 17.53
N ALA A 12 -13.32 -32.59 17.33
CA ALA A 12 -14.02 -31.49 17.95
C ALA A 12 -14.89 -30.80 16.89
N VAL A 13 -16.22 -31.00 16.98
CA VAL A 13 -17.14 -30.52 15.95
C VAL A 13 -17.74 -29.23 16.47
N LEU A 14 -17.80 -28.22 15.60
CA LEU A 14 -18.50 -26.99 15.89
C LEU A 14 -19.85 -27.04 15.14
N TRP A 15 -20.92 -27.30 15.88
CA TRP A 15 -22.23 -27.42 15.27
C TRP A 15 -22.87 -26.08 14.94
N GLU A 16 -22.62 -25.06 15.77
CA GLU A 16 -23.18 -23.72 15.57
C GLU A 16 -22.22 -22.66 16.04
N GLU A 17 -22.42 -21.43 15.60
CA GLU A 17 -21.59 -20.32 16.08
C GLU A 17 -21.82 -20.08 17.56
N LYS A 18 -20.79 -19.56 18.23
CA LYS A 18 -20.89 -19.10 19.61
C LYS A 18 -21.32 -20.21 20.58
N LYS A 19 -20.84 -21.42 20.35
CA LYS A 19 -21.05 -22.51 21.28
C LYS A 19 -19.72 -23.22 21.49
N PRO A 20 -19.54 -23.90 22.63
CA PRO A 20 -18.35 -24.72 22.82
C PRO A 20 -18.22 -25.79 21.73
N PHE A 21 -17.00 -26.26 21.49
CA PHE A 21 -16.78 -27.39 20.62
C PHE A 21 -17.38 -28.66 21.26
N SER A 22 -17.98 -29.54 20.45
CA SER A 22 -18.42 -30.84 20.91
C SER A 22 -17.42 -31.92 20.55
N ILE A 23 -16.85 -32.61 21.54
CA ILE A 23 -15.91 -33.68 21.31
C ILE A 23 -16.72 -34.94 21.14
N GLU A 24 -16.60 -35.60 19.99
CA GLU A 24 -17.28 -36.87 19.78
C GLU A 24 -16.72 -37.68 18.64
N GLU A 25 -17.31 -38.84 18.38
CA GLU A 25 -16.85 -39.74 17.35
C GLU A 25 -17.33 -39.26 15.99
N VAL A 26 -16.41 -39.29 15.02
CA VAL A 26 -16.68 -38.96 13.64
C VAL A 26 -16.16 -40.11 12.79
N GLU A 27 -16.62 -40.24 11.55
CA GLU A 27 -16.06 -41.18 10.61
C GLU A 27 -15.29 -40.38 9.57
N VAL A 28 -14.11 -40.87 9.27
CA VAL A 28 -13.20 -40.21 8.37
C VAL A 28 -13.01 -41.18 7.22
N ALA A 29 -13.49 -40.76 6.05
CA ALA A 29 -13.36 -41.58 4.85
C ALA A 29 -11.91 -41.74 4.44
N PRO A 30 -11.57 -42.81 3.72
CA PRO A 30 -10.22 -42.91 3.18
C PRO A 30 -9.96 -41.88 2.07
N PRO A 31 -8.71 -41.56 1.83
CA PRO A 31 -8.38 -40.55 0.83
C PRO A 31 -8.63 -41.04 -0.59
N LYS A 32 -9.20 -40.14 -1.39
CA LYS A 32 -9.41 -40.33 -2.82
C LYS A 32 -8.11 -39.94 -3.56
N ALA A 33 -8.16 -39.86 -4.88
CA ALA A 33 -6.99 -39.56 -5.68
C ALA A 33 -6.43 -38.19 -5.21
N HIS A 34 -5.12 -38.13 -5.05
CA HIS A 34 -4.41 -36.88 -4.75
C HIS A 34 -4.81 -36.32 -3.40
N GLU A 35 -5.19 -37.20 -2.46
CA GLU A 35 -5.53 -36.83 -1.08
C GLU A 35 -4.70 -37.65 -0.13
N VAL A 36 -4.54 -37.10 1.07
CA VAL A 36 -3.68 -37.63 2.12
C VAL A 36 -4.45 -37.66 3.42
N ARG A 37 -4.46 -38.81 4.10
CA ARG A 37 -5.03 -38.93 5.44
C ARG A 37 -3.94 -38.93 6.48
N ILE A 38 -4.10 -38.05 7.46
CA ILE A 38 -3.09 -37.72 8.44
C ILE A 38 -3.59 -38.03 9.87
N LYS A 39 -2.77 -38.72 10.64
CA LYS A 39 -2.97 -38.88 12.08
C LYS A 39 -2.35 -37.66 12.80
N MET A 40 -3.17 -36.87 13.42
CA MET A 40 -2.69 -35.67 14.05
C MET A 40 -1.87 -35.99 15.29
N VAL A 41 -0.85 -35.15 15.53
CA VAL A 41 -0.01 -35.26 16.72
C VAL A 41 -0.14 -34.03 17.61
N ALA A 42 -0.18 -32.83 17.03
CA ALA A 42 -0.32 -31.61 17.80
C ALA A 42 -1.01 -30.53 16.93
N THR A 43 -1.82 -29.69 17.55
CA THR A 43 -2.42 -28.56 16.91
C THR A 43 -2.49 -27.36 17.84
N GLY A 44 -2.19 -26.17 17.31
CA GLY A 44 -2.23 -24.93 18.03
C GLY A 44 -3.61 -24.29 17.93
N ILE A 45 -3.95 -23.54 18.93
CA ILE A 45 -5.13 -22.67 18.93
C ILE A 45 -4.80 -21.26 18.47
N CYS A 46 -5.21 -20.94 17.25
CA CYS A 46 -4.98 -19.66 16.61
C CYS A 46 -6.23 -18.76 16.77
N ARG A 47 -6.06 -17.45 16.91
CA ARG A 47 -7.19 -16.58 16.97
C ARG A 47 -8.12 -16.77 15.78
N SER A 48 -7.62 -17.08 14.60
CA SER A 48 -8.54 -17.31 13.49
C SER A 48 -9.50 -18.45 13.71
N ASP A 49 -9.14 -19.47 14.48
CA ASP A 49 -10.09 -20.56 14.79
C ASP A 49 -11.20 -20.01 15.66
N ASP A 50 -10.84 -19.14 16.57
CA ASP A 50 -11.83 -18.46 17.39
C ASP A 50 -12.74 -17.51 16.60
N HIS A 51 -12.23 -16.90 15.53
CA HIS A 51 -13.06 -16.10 14.62
C HIS A 51 -14.22 -16.93 14.01
N VAL A 52 -13.97 -18.21 13.76
CA VAL A 52 -15.03 -19.09 13.26
C VAL A 52 -16.10 -19.28 14.35
N VAL A 53 -15.69 -19.51 15.59
CA VAL A 53 -16.68 -19.61 16.67
C VAL A 53 -17.45 -18.32 16.89
N SER A 54 -16.77 -17.18 16.84
CA SER A 54 -17.36 -15.90 17.13
C SER A 54 -18.21 -15.32 15.99
N GLY A 55 -18.10 -15.88 14.77
CA GLY A 55 -18.72 -15.30 13.58
C GLY A 55 -17.94 -14.19 12.90
N THR A 56 -16.78 -13.81 13.45
CA THR A 56 -15.90 -12.82 12.81
C THR A 56 -15.49 -13.31 11.39
N LEU A 57 -15.28 -14.62 11.23
CA LEU A 57 -14.96 -15.27 9.98
C LEU A 57 -16.12 -16.21 9.61
N VAL A 58 -16.70 -16.05 8.44
CA VAL A 58 -17.82 -16.85 7.99
C VAL A 58 -17.31 -18.03 7.19
N THR A 59 -17.67 -19.23 7.64
CA THR A 59 -17.41 -20.45 6.88
C THR A 59 -18.58 -21.46 7.09
N PRO A 60 -18.88 -22.33 6.13
CA PRO A 60 -20.01 -23.26 6.35
C PRO A 60 -19.89 -24.13 7.59
N LEU A 61 -20.99 -24.21 8.36
CA LEU A 61 -21.08 -25.06 9.53
C LEU A 61 -22.12 -26.17 9.26
N PRO A 62 -22.11 -27.29 9.97
CA PRO A 62 -21.14 -27.61 11.03
C PRO A 62 -19.76 -27.85 10.46
N VAL A 63 -18.70 -27.71 11.28
CA VAL A 63 -17.34 -27.74 10.73
C VAL A 63 -16.35 -28.36 11.72
N ILE A 64 -15.33 -29.01 11.19
CA ILE A 64 -14.16 -29.31 12.00
C ILE A 64 -13.12 -28.22 11.71
N ALA A 65 -12.91 -27.33 12.69
CA ALA A 65 -11.94 -26.24 12.55
C ALA A 65 -10.56 -26.75 12.88
N GLY A 66 -9.64 -25.82 13.15
CA GLY A 66 -8.24 -26.15 13.31
C GLY A 66 -7.47 -26.09 12.00
N HIS A 67 -6.37 -25.37 11.97
CA HIS A 67 -5.51 -25.24 10.80
C HIS A 67 -4.00 -25.21 11.04
N GLU A 68 -3.55 -25.04 12.29
CA GLU A 68 -2.13 -24.89 12.70
C GLU A 68 -1.79 -26.19 13.36
N ALA A 69 -1.12 -27.12 12.67
CA ALA A 69 -0.94 -28.46 13.22
C ALA A 69 0.23 -29.17 12.56
N ALA A 70 0.49 -30.37 13.10
CA ALA A 70 1.42 -31.30 12.54
C ALA A 70 1.01 -32.73 12.86
N GLY A 71 1.32 -33.65 11.97
CA GLY A 71 0.99 -35.03 12.22
C GLY A 71 1.80 -35.96 11.36
N ILE A 72 1.31 -37.20 11.26
CA ILE A 72 1.99 -38.27 10.57
C ILE A 72 1.05 -38.91 9.52
N VAL A 73 1.53 -39.09 8.31
CA VAL A 73 0.69 -39.64 7.22
C VAL A 73 0.28 -41.08 7.55
N GLU A 74 -1.02 -41.31 7.57
CA GLU A 74 -1.58 -42.68 7.74
C GLU A 74 -1.69 -43.39 6.40
N SER A 75 -2.17 -42.71 5.36
CA SER A 75 -2.31 -43.32 4.02
C SER A 75 -2.42 -42.24 2.94
N ILE A 76 -2.15 -42.63 1.71
CA ILE A 76 -2.22 -41.73 0.57
C ILE A 76 -3.13 -42.32 -0.48
N GLY A 77 -3.80 -41.44 -1.20
CA GLY A 77 -4.62 -41.82 -2.30
C GLY A 77 -3.76 -41.98 -3.51
N GLU A 78 -4.41 -42.51 -4.53
CA GLU A 78 -3.78 -42.69 -5.84
C GLU A 78 -3.24 -41.36 -6.34
N GLY A 79 -2.04 -41.44 -6.87
CA GLY A 79 -1.44 -40.33 -7.61
C GLY A 79 -0.58 -39.40 -6.75
N VAL A 80 -0.56 -39.61 -5.46
CA VAL A 80 0.19 -38.75 -4.50
C VAL A 80 1.67 -39.08 -4.58
N THR A 81 2.52 -38.05 -4.69
CA THR A 81 3.95 -38.20 -4.98
C THR A 81 4.83 -37.43 -3.98
N THR A 82 4.25 -36.58 -3.15
CA THR A 82 5.07 -35.67 -2.35
C THR A 82 5.17 -36.06 -0.90
N VAL A 83 4.35 -37.02 -0.50
CA VAL A 83 4.40 -37.57 0.85
C VAL A 83 4.11 -39.09 0.77
N ARG A 84 4.52 -39.83 1.80
CA ARG A 84 4.27 -41.27 1.92
C ARG A 84 3.83 -41.60 3.35
N PRO A 85 3.16 -42.74 3.55
CA PRO A 85 2.79 -43.19 4.89
C PRO A 85 3.98 -43.17 5.85
N GLY A 86 3.81 -42.62 7.04
CA GLY A 86 4.88 -42.51 8.04
C GLY A 86 5.59 -41.16 8.06
N ASP A 87 5.40 -40.34 7.03
CA ASP A 87 6.03 -39.03 6.97
C ASP A 87 5.42 -38.06 7.96
N LYS A 88 6.27 -37.25 8.58
CA LYS A 88 5.83 -36.09 9.34
C LYS A 88 5.43 -34.99 8.33
N VAL A 89 4.32 -34.36 8.63
CA VAL A 89 3.72 -33.34 7.75
C VAL A 89 3.10 -32.20 8.51
N ILE A 90 3.04 -31.07 7.83
CA ILE A 90 2.27 -29.94 8.26
C ILE A 90 1.17 -29.64 7.19
N PRO A 91 -0.10 -29.57 7.58
CA PRO A 91 -1.16 -29.14 6.64
C PRO A 91 -0.97 -27.64 6.36
N LEU A 92 -1.39 -27.25 5.18
CA LEU A 92 -1.18 -25.91 4.65
C LEU A 92 -2.54 -25.24 4.45
N ALA A 93 -2.89 -24.27 5.30
CA ALA A 93 -4.19 -23.55 5.20
C ALA A 93 -4.27 -22.64 3.96
N THR A 94 -3.12 -22.26 3.42
CA THR A 94 -2.98 -21.65 2.12
C THR A 94 -2.28 -22.70 1.32
N PRO A 95 -2.92 -23.25 0.29
CA PRO A 95 -2.28 -24.28 -0.50
C PRO A 95 -1.21 -23.72 -1.45
N GLN A 96 -0.48 -24.58 -2.13
CA GLN A 96 0.42 -24.22 -3.22
C GLN A 96 0.22 -25.21 -4.34
N CYS A 97 -0.65 -24.84 -5.28
CA CYS A 97 -0.95 -25.75 -6.41
C CYS A 97 0.22 -25.81 -7.37
N GLY A 98 1.02 -24.76 -7.48
CA GLY A 98 2.14 -24.72 -8.39
C GLY A 98 1.79 -24.40 -9.85
N LYS A 99 0.50 -24.25 -10.15
CA LYS A 99 0.02 -24.09 -11.55
C LYS A 99 -0.67 -22.75 -11.84
N CYS A 100 -1.22 -22.10 -10.83
CA CYS A 100 -2.02 -20.90 -11.07
C CYS A 100 -1.10 -19.68 -11.23
N ARG A 101 -1.68 -18.56 -11.66
CA ARG A 101 -0.86 -17.40 -11.97
C ARG A 101 -0.17 -16.84 -10.72
N VAL A 102 -0.80 -17.06 -9.58
CA VAL A 102 -0.20 -16.60 -8.34
C VAL A 102 0.97 -17.49 -7.96
N CYS A 103 0.78 -18.80 -7.96
CA CYS A 103 1.90 -19.72 -7.69
C CYS A 103 3.11 -19.50 -8.57
N LYS A 104 2.88 -19.10 -9.82
CA LYS A 104 3.95 -18.86 -10.79
C LYS A 104 4.60 -17.47 -10.66
N HIS A 105 3.98 -16.57 -9.90
CA HIS A 105 4.50 -15.23 -9.73
C HIS A 105 5.59 -15.21 -8.67
N PRO A 106 6.70 -14.47 -8.87
CA PRO A 106 7.78 -14.51 -7.87
C PRO A 106 7.34 -14.04 -6.48
N GLU A 107 6.40 -13.10 -6.38
CA GLU A 107 5.96 -12.52 -5.09
C GLU A 107 4.58 -13.01 -4.57
N GLY A 108 3.84 -13.72 -5.38
CA GLY A 108 2.52 -14.18 -4.95
C GLY A 108 2.55 -15.44 -4.10
N ASN A 109 1.68 -15.52 -3.09
CA ASN A 109 1.49 -16.76 -2.32
C ASN A 109 0.05 -17.17 -2.11
N PHE A 110 -0.90 -16.30 -2.40
CA PHE A 110 -2.32 -16.57 -2.13
C PHE A 110 -2.91 -17.34 -3.29
N CYS A 111 -2.51 -18.61 -3.34
CA CYS A 111 -2.89 -19.56 -4.37
C CYS A 111 -4.39 -19.49 -4.63
N LEU A 112 -4.79 -19.50 -5.90
CA LEU A 112 -6.19 -19.41 -6.29
C LEU A 112 -7.02 -20.64 -5.91
N LYS A 113 -6.38 -21.72 -5.47
CA LYS A 113 -7.14 -22.89 -4.97
C LYS A 113 -7.52 -22.76 -3.50
N ASN A 114 -7.18 -21.63 -2.89
CA ASN A 114 -7.53 -21.42 -1.49
C ASN A 114 -9.03 -21.47 -1.23
N ASP A 115 -9.41 -21.78 0.02
CA ASP A 115 -10.79 -21.87 0.44
C ASP A 115 -11.17 -20.71 1.37
N LEU A 116 -10.39 -19.62 1.32
CA LEU A 116 -10.64 -18.43 2.12
C LEU A 116 -11.53 -17.38 1.44
N SER A 117 -11.25 -17.04 0.21
CA SER A 117 -12.03 -15.96 -0.44
C SER A 117 -13.53 -16.22 -0.58
N MET A 118 -13.88 -17.46 -0.91
CA MET A 118 -15.28 -17.86 -1.08
C MET A 118 -15.41 -19.24 -0.47
N PRO A 119 -15.51 -19.32 0.84
CA PRO A 119 -15.35 -20.62 1.48
C PRO A 119 -16.46 -21.61 1.13
N ARG A 120 -16.06 -22.81 0.74
CA ARG A 120 -17.00 -23.91 0.48
C ARG A 120 -16.97 -24.96 1.61
N GLY A 121 -15.86 -25.03 2.35
CA GLY A 121 -15.69 -26.02 3.41
C GLY A 121 -15.69 -27.46 2.95
N THR A 122 -15.02 -27.72 1.84
CA THR A 122 -14.90 -29.07 1.33
C THR A 122 -13.48 -29.38 0.91
N MET A 123 -13.24 -30.59 0.46
CA MET A 123 -12.08 -30.94 -0.31
C MET A 123 -12.14 -30.20 -1.65
N GLN A 124 -11.05 -30.25 -2.38
CA GLN A 124 -11.01 -29.64 -3.72
C GLN A 124 -12.10 -30.16 -4.63
N ASP A 125 -12.45 -31.44 -4.51
CA ASP A 125 -13.52 -32.04 -5.34
C ASP A 125 -14.96 -31.64 -4.96
N GLY A 126 -15.12 -30.80 -3.93
CA GLY A 126 -16.39 -30.27 -3.54
C GLY A 126 -17.20 -31.16 -2.60
N THR A 127 -16.58 -32.22 -2.11
CA THR A 127 -17.20 -33.10 -1.13
C THR A 127 -16.42 -33.14 0.16
N SER A 128 -17.08 -33.69 1.20
CA SER A 128 -16.48 -33.84 2.51
C SER A 128 -16.12 -35.30 2.84
N ARG A 129 -15.05 -35.46 3.60
CA ARG A 129 -14.57 -36.77 4.07
C ARG A 129 -15.07 -37.12 5.47
N PHE A 130 -15.83 -36.22 6.09
CA PHE A 130 -16.23 -36.33 7.52
C PHE A 130 -17.73 -36.56 7.65
N THR A 131 -18.09 -37.49 8.50
CA THR A 131 -19.48 -37.60 8.94
C THR A 131 -19.58 -37.70 10.46
N CYS A 132 -20.69 -37.26 11.00
CA CYS A 132 -20.89 -37.29 12.46
C CYS A 132 -22.39 -37.39 12.77
N ARG A 133 -22.77 -38.43 13.52
CA ARG A 133 -24.18 -38.74 13.83
C ARG A 133 -25.01 -38.75 12.57
N GLY A 134 -24.47 -39.34 11.52
CA GLY A 134 -25.17 -39.50 10.25
C GLY A 134 -25.14 -38.29 9.32
N LYS A 135 -24.51 -37.20 9.75
CA LYS A 135 -24.50 -35.98 8.95
C LYS A 135 -23.11 -35.65 8.40
N PRO A 136 -23.02 -35.10 7.19
CA PRO A 136 -21.76 -34.55 6.68
C PRO A 136 -21.34 -33.31 7.48
N ILE A 137 -20.04 -33.23 7.75
CA ILE A 137 -19.42 -32.12 8.45
C ILE A 137 -18.41 -31.42 7.52
N HIS A 138 -18.45 -30.10 7.47
CA HIS A 138 -17.51 -29.36 6.64
C HIS A 138 -16.06 -29.37 7.12
N HIS A 139 -15.18 -29.22 6.13
CA HIS A 139 -13.78 -28.92 6.33
C HIS A 139 -13.57 -27.40 6.51
N PHE A 140 -12.39 -27.01 7.01
CA PHE A 140 -12.01 -25.63 7.22
C PHE A 140 -10.64 -25.38 6.60
N LEU A 141 -10.62 -24.49 5.60
CA LEU A 141 -9.40 -24.07 4.91
C LEU A 141 -8.63 -25.24 4.35
N GLY A 142 -9.32 -26.31 3.97
CA GLY A 142 -8.64 -27.50 3.53
C GLY A 142 -7.73 -28.20 4.49
N THR A 143 -7.98 -27.98 5.78
CA THR A 143 -7.09 -28.55 6.81
C THR A 143 -7.90 -29.38 7.83
N SER A 144 -8.64 -28.74 8.70
CA SER A 144 -9.45 -29.42 9.71
C SER A 144 -8.61 -30.32 10.60
N THR A 145 -7.90 -29.66 11.50
CA THR A 145 -6.93 -30.36 12.32
C THR A 145 -7.38 -30.63 13.75
N PHE A 146 -8.58 -30.18 14.12
CA PHE A 146 -9.17 -30.54 15.41
C PHE A 146 -9.86 -31.95 15.34
N SER A 147 -9.07 -32.94 15.01
CA SER A 147 -9.54 -34.32 14.79
C SER A 147 -8.35 -35.25 14.88
N GLN A 148 -8.52 -36.45 15.44
CA GLN A 148 -7.41 -37.40 15.49
C GLN A 148 -6.92 -37.76 14.09
N TYR A 149 -7.85 -37.77 13.14
CA TYR A 149 -7.44 -37.95 11.74
C TYR A 149 -8.14 -36.92 10.86
N THR A 150 -7.43 -36.43 9.87
CA THR A 150 -8.00 -35.59 8.82
C THR A 150 -7.61 -36.08 7.43
N VAL A 151 -8.29 -35.56 6.40
CA VAL A 151 -7.93 -35.80 5.00
C VAL A 151 -7.74 -34.45 4.33
N VAL A 152 -6.62 -34.30 3.63
CA VAL A 152 -6.27 -33.07 2.93
C VAL A 152 -5.88 -33.34 1.52
N ASP A 153 -6.08 -32.36 0.65
CA ASP A 153 -5.53 -32.43 -0.70
C ASP A 153 -4.03 -32.34 -0.67
N GLU A 154 -3.36 -32.95 -1.60
CA GLU A 154 -1.93 -32.97 -1.67
C GLU A 154 -1.34 -31.57 -1.76
N ILE A 155 -2.01 -30.62 -2.38
CA ILE A 155 -1.52 -29.24 -2.48
C ILE A 155 -1.63 -28.50 -1.17
N SER A 156 -2.28 -29.11 -0.19
CA SER A 156 -2.44 -28.56 1.13
C SER A 156 -1.66 -29.32 2.23
N VAL A 157 -0.55 -29.93 1.89
CA VAL A 157 0.29 -30.61 2.87
C VAL A 157 1.75 -30.56 2.44
N ALA A 158 2.64 -30.32 3.44
CA ALA A 158 4.11 -30.35 3.22
C ALA A 158 4.80 -31.40 4.09
N LYS A 159 5.67 -32.16 3.46
CA LYS A 159 6.55 -33.05 4.19
C LYS A 159 7.63 -32.28 4.92
N ILE A 160 7.87 -32.68 6.15
CA ILE A 160 8.91 -32.05 6.95
C ILE A 160 9.87 -33.09 7.53
N ASP A 161 10.95 -32.59 8.13
CA ASP A 161 12.03 -33.40 8.70
C ASP A 161 11.48 -34.48 9.65
N ALA A 162 11.86 -35.73 9.39
CA ALA A 162 11.46 -36.89 10.21
C ALA A 162 11.85 -36.80 11.69
N ALA A 163 12.91 -36.05 12.01
CA ALA A 163 13.27 -35.79 13.42
C ALA A 163 12.62 -34.58 14.10
N SER A 164 11.68 -33.88 13.47
CA SER A 164 11.20 -32.66 14.11
C SER A 164 10.19 -32.88 15.22
N PRO A 165 10.20 -32.00 16.21
CA PRO A 165 9.30 -32.14 17.34
C PRO A 165 7.98 -31.50 16.93
N LEU A 166 6.99 -32.34 16.74
CA LEU A 166 5.71 -31.89 16.18
C LEU A 166 4.94 -30.98 17.07
N GLU A 167 5.13 -31.16 18.38
CA GLU A 167 4.51 -30.31 19.39
C GLU A 167 5.01 -28.85 19.44
N LYS A 168 6.10 -28.60 18.71
CA LYS A 168 6.59 -27.22 18.51
C LYS A 168 6.35 -26.73 17.10
N VAL A 169 6.74 -27.55 16.14
CA VAL A 169 6.75 -27.08 14.73
C VAL A 169 5.34 -26.90 14.14
N CYS A 170 4.29 -27.38 14.83
CA CYS A 170 2.94 -27.06 14.38
C CYS A 170 2.75 -25.56 14.21
N LEU A 171 3.46 -24.72 14.94
CA LEU A 171 3.32 -23.26 14.84
C LEU A 171 3.81 -22.70 13.52
N ILE A 172 4.69 -23.42 12.84
CA ILE A 172 5.11 -23.03 11.53
C ILE A 172 3.96 -23.14 10.49
N GLY A 173 2.94 -23.93 10.85
CA GLY A 173 1.73 -24.05 10.05
C GLY A 173 0.89 -22.78 9.98
N CYS A 174 1.08 -21.85 10.90
CA CYS A 174 0.34 -20.58 10.79
C CYS A 174 1.03 -19.44 11.51
N GLY A 175 0.93 -19.35 12.83
CA GLY A 175 1.21 -18.08 13.48
C GLY A 175 2.66 -17.64 13.41
N PHE A 176 3.61 -18.53 13.61
CA PHE A 176 5.02 -18.12 13.58
C PHE A 176 5.36 -17.59 12.18
N SER A 177 5.04 -18.39 11.17
CA SER A 177 5.47 -18.05 9.81
C SER A 177 4.79 -16.76 9.36
N THR A 178 3.54 -16.59 9.70
CA THR A 178 2.74 -15.39 9.38
C THR A 178 3.46 -14.15 9.94
N GLY A 179 3.77 -14.11 11.24
CA GLY A 179 4.34 -12.93 11.79
C GLY A 179 5.75 -12.69 11.31
N TYR A 180 6.58 -13.71 11.31
CA TYR A 180 7.98 -13.60 10.93
C TYR A 180 8.11 -13.12 9.50
N GLY A 181 7.36 -13.77 8.57
CA GLY A 181 7.35 -13.36 7.18
C GLY A 181 6.77 -11.98 6.95
N SER A 182 5.74 -11.61 7.66
CA SER A 182 5.19 -10.23 7.53
C SER A 182 6.27 -9.16 7.72
N ALA A 183 7.20 -9.42 8.63
CA ALA A 183 8.34 -8.53 8.87
C ALA A 183 9.40 -8.65 7.83
N VAL A 184 9.90 -9.86 7.64
CA VAL A 184 11.08 -10.01 6.82
C VAL A 184 10.84 -10.03 5.33
N LYS A 185 9.71 -10.55 4.93
CA LYS A 185 9.36 -10.73 3.51
C LYS A 185 8.39 -9.68 2.97
N VAL A 186 7.31 -9.38 3.69
CA VAL A 186 6.27 -8.47 3.24
C VAL A 186 6.69 -7.02 3.43
N ALA A 187 6.99 -6.63 4.65
CA ALA A 187 7.52 -5.28 4.93
C ALA A 187 8.94 -5.08 4.43
N LYS A 188 9.77 -6.09 4.57
CA LYS A 188 11.19 -5.98 4.29
C LYS A 188 11.80 -4.92 5.22
N VAL A 189 11.63 -5.17 6.52
CA VAL A 189 12.20 -4.34 7.58
C VAL A 189 13.73 -4.24 7.36
N THR A 190 14.24 -3.02 7.57
CA THR A 190 15.63 -2.70 7.31
C THR A 190 16.41 -2.52 8.61
N GLN A 191 17.71 -2.74 8.46
CA GLN A 191 18.64 -2.55 9.58
C GLN A 191 18.60 -1.11 10.08
N GLY A 192 18.44 -0.99 11.37
CA GLY A 192 18.50 0.33 12.04
C GLY A 192 17.15 1.04 12.05
N SER A 193 16.11 0.40 11.51
CA SER A 193 14.79 1.02 11.36
C SER A 193 14.04 1.03 12.71
N THR A 194 12.98 1.81 12.77
CA THR A 194 12.00 1.79 13.85
C THR A 194 10.69 1.13 13.37
N CYS A 195 10.18 0.21 14.19
CA CYS A 195 8.99 -0.56 13.89
C CYS A 195 7.99 -0.41 15.04
N ALA A 196 6.70 -0.42 14.72
CA ALA A 196 5.63 -0.47 15.70
C ALA A 196 4.75 -1.66 15.39
N VAL A 197 4.42 -2.48 16.40
CA VAL A 197 3.65 -3.74 16.24
C VAL A 197 2.43 -3.66 17.11
N PHE A 198 1.26 -3.61 16.48
CA PHE A 198 -0.02 -3.53 17.14
C PHE A 198 -0.54 -4.93 17.37
N GLY A 199 -0.59 -5.37 18.63
CA GLY A 199 -1.07 -6.69 19.05
C GLY A 199 0.09 -7.60 19.32
N LEU A 200 0.13 -8.10 20.59
CA LEU A 200 1.28 -8.88 21.09
C LEU A 200 0.89 -10.31 21.45
N GLY A 201 0.03 -10.90 20.64
CA GLY A 201 -0.27 -12.35 20.71
C GLY A 201 0.77 -13.15 19.97
N GLY A 202 0.45 -14.42 19.67
CA GLY A 202 1.38 -15.28 19.06
C GLY A 202 1.87 -14.70 17.74
N VAL A 203 0.97 -14.14 16.95
CA VAL A 203 1.38 -13.58 15.69
C VAL A 203 2.23 -12.30 15.84
N GLY A 204 1.77 -11.38 16.64
CA GLY A 204 2.55 -10.18 16.92
C GLY A 204 3.93 -10.45 17.49
N LEU A 205 4.04 -11.43 18.37
CA LEU A 205 5.35 -11.78 18.89
C LEU A 205 6.25 -12.27 17.77
N SER A 206 5.68 -13.04 16.81
CA SER A 206 6.44 -13.52 15.68
C SER A 206 6.88 -12.38 14.76
N VAL A 207 6.04 -11.35 14.65
CA VAL A 207 6.43 -10.12 13.86
C VAL A 207 7.63 -9.46 14.60
N ILE A 208 7.62 -9.38 15.92
CA ILE A 208 8.75 -8.83 16.68
C ILE A 208 9.99 -9.63 16.44
N MET A 209 9.84 -10.93 16.45
CA MET A 209 10.99 -11.81 16.22
C MET A 209 11.61 -11.45 14.87
N GLY A 210 10.78 -11.37 13.80
CA GLY A 210 11.23 -10.97 12.46
C GLY A 210 11.86 -9.59 12.40
N CYS A 211 11.26 -8.61 13.08
CA CYS A 211 11.84 -7.25 13.07
C CYS A 211 13.25 -7.25 13.71
N LYS A 212 13.40 -8.04 14.77
CA LYS A 212 14.68 -8.12 15.49
C LYS A 212 15.70 -8.82 14.57
N ALA A 213 15.29 -9.90 13.92
CA ALA A 213 16.16 -10.66 13.03
C ALA A 213 16.66 -9.81 11.84
N ALA A 214 15.81 -8.88 11.42
CA ALA A 214 16.06 -7.96 10.29
C ALA A 214 16.93 -6.79 10.73
N GLY A 215 17.23 -6.70 12.01
CA GLY A 215 18.13 -5.68 12.51
C GLY A 215 17.47 -4.33 12.86
N ALA A 216 16.16 -4.28 13.11
CA ALA A 216 15.52 -3.05 13.54
C ALA A 216 16.24 -2.52 14.78
N ALA A 217 16.36 -1.21 14.90
CA ALA A 217 17.02 -0.61 16.12
C ALA A 217 15.97 -0.40 17.20
N ARG A 218 14.70 -0.15 16.83
CA ARG A 218 13.65 0.11 17.81
C ARG A 218 12.43 -0.66 17.34
N ILE A 219 11.81 -1.33 18.31
CA ILE A 219 10.59 -2.11 18.07
C ILE A 219 9.62 -1.80 19.20
N ILE A 220 8.57 -1.05 18.88
CA ILE A 220 7.61 -0.59 19.87
C ILE A 220 6.40 -1.49 19.80
N GLY A 221 6.15 -2.23 20.85
CA GLY A 221 4.98 -3.07 20.97
C GLY A 221 3.79 -2.30 21.47
N VAL A 222 2.61 -2.51 20.93
CA VAL A 222 1.41 -1.81 21.29
C VAL A 222 0.32 -2.81 21.65
N ASP A 223 -0.22 -2.80 22.86
CA ASP A 223 -1.31 -3.68 23.27
C ASP A 223 -2.08 -3.02 24.40
N ILE A 224 -3.37 -3.25 24.45
CA ILE A 224 -4.22 -2.82 25.59
C ILE A 224 -4.17 -3.73 26.78
N ASN A 225 -3.50 -4.86 26.66
CA ASN A 225 -3.30 -5.81 27.76
C ASN A 225 -1.82 -5.79 28.15
N LYS A 226 -1.49 -5.07 29.21
CA LYS A 226 -0.10 -4.90 29.58
C LYS A 226 0.56 -6.18 30.10
N ASP A 227 -0.22 -7.21 30.42
CA ASP A 227 0.36 -8.52 30.72
C ASP A 227 1.11 -9.14 29.55
N LYS A 228 0.89 -8.61 28.33
CA LYS A 228 1.60 -9.08 27.15
C LYS A 228 3.00 -8.50 26.94
N PHE A 229 3.32 -7.49 27.73
CA PHE A 229 4.54 -6.70 27.49
C PHE A 229 5.85 -7.41 27.89
N ALA A 230 5.82 -8.19 28.97
CA ALA A 230 7.07 -8.81 29.42
C ALA A 230 7.56 -9.76 28.32
N LYS A 231 6.69 -10.63 27.77
CA LYS A 231 7.13 -11.55 26.73
C LYS A 231 7.53 -10.84 25.45
N ALA A 232 6.82 -9.77 25.09
CA ALA A 232 7.21 -8.98 23.92
C ALA A 232 8.64 -8.42 24.05
N LYS A 233 8.98 -7.86 25.22
CA LYS A 233 10.37 -7.42 25.46
C LYS A 233 11.36 -8.61 25.34
N GLU A 234 10.99 -9.78 25.87
CA GLU A 234 11.88 -10.90 25.82
C GLU A 234 12.28 -11.29 24.42
N VAL A 235 11.32 -11.19 23.50
CA VAL A 235 11.60 -11.52 22.10
C VAL A 235 12.06 -10.37 21.19
N GLY A 236 12.18 -9.16 21.78
CA GLY A 236 12.92 -8.08 21.15
C GLY A 236 12.29 -6.70 21.16
N ALA A 237 11.08 -6.53 21.67
CA ALA A 237 10.50 -5.15 21.80
C ALA A 237 11.47 -4.34 22.64
N THR A 238 11.74 -3.11 22.17
CA THR A 238 12.57 -2.19 22.94
C THR A 238 11.74 -1.33 23.94
N GLU A 239 10.43 -1.18 23.72
CA GLU A 239 9.52 -0.38 24.45
C GLU A 239 8.12 -0.94 24.20
N CYS A 240 7.19 -0.82 25.15
CA CYS A 240 5.80 -1.18 24.94
C CYS A 240 4.93 -0.06 25.44
N VAL A 241 3.83 0.16 24.73
CA VAL A 241 2.88 1.17 25.07
C VAL A 241 1.44 0.65 25.04
N ASN A 242 0.66 1.05 26.02
CA ASN A 242 -0.75 0.77 26.14
C ASN A 242 -1.55 2.02 25.78
N PRO A 243 -2.28 2.01 24.64
CA PRO A 243 -3.07 3.18 24.25
C PRO A 243 -3.98 3.76 25.35
N GLN A 244 -4.45 2.89 26.24
CA GLN A 244 -5.37 3.31 27.29
C GLN A 244 -4.69 4.22 28.31
N ASP A 245 -3.36 4.26 28.30
CA ASP A 245 -2.62 5.10 29.28
C ASP A 245 -2.46 6.53 28.82
N TYR A 246 -2.82 6.88 27.59
CA TYR A 246 -2.59 8.19 27.00
C TYR A 246 -3.87 8.96 26.75
N LYS A 247 -3.80 10.28 26.86
CA LYS A 247 -4.94 11.15 26.51
C LYS A 247 -5.04 11.33 24.96
N LYS A 248 -3.92 11.39 24.28
CA LYS A 248 -3.91 11.57 22.85
C LYS A 248 -4.08 10.22 22.12
N PRO A 249 -4.58 10.25 20.88
CA PRO A 249 -4.62 9.01 20.08
C PRO A 249 -3.21 8.44 19.91
N ILE A 250 -3.08 7.12 19.83
CA ILE A 250 -1.77 6.50 19.91
C ILE A 250 -0.95 6.79 18.64
N GLN A 251 -1.61 7.04 17.49
CA GLN A 251 -0.84 7.44 16.30
C GLN A 251 -0.01 8.71 16.56
N GLU A 252 -0.56 9.63 17.31
CA GLU A 252 0.16 10.84 17.65
C GLU A 252 1.34 10.56 18.58
N VAL A 253 1.10 9.71 19.57
CA VAL A 253 2.11 9.29 20.52
C VAL A 253 3.25 8.64 19.78
N LEU A 254 2.94 7.71 18.88
CA LEU A 254 3.96 7.00 18.14
C LEU A 254 4.72 7.90 17.17
N THR A 255 4.03 8.85 16.56
CA THR A 255 4.66 9.81 15.63
C THR A 255 5.69 10.66 16.48
N GLU A 256 5.30 11.12 17.69
CA GLU A 256 6.19 11.89 18.59
C GLU A 256 7.40 11.01 19.00
N MET A 257 7.15 9.76 19.44
CA MET A 257 8.21 8.85 19.89
C MET A 257 9.28 8.61 18.88
N SER A 258 8.79 8.53 17.63
CA SER A 258 9.65 8.23 16.49
C SER A 258 10.15 9.45 15.73
N ASN A 259 10.00 10.64 16.33
CA ASN A 259 10.47 11.89 15.76
C ASN A 259 9.97 12.11 14.34
N GLY A 260 8.69 11.83 14.09
CA GLY A 260 7.97 12.13 12.84
C GLY A 260 7.36 10.93 12.13
N GLY A 261 7.36 9.76 12.78
CA GLY A 261 6.73 8.55 12.23
C GLY A 261 7.67 7.40 12.23
N VAL A 262 7.13 6.18 12.25
CA VAL A 262 7.92 4.98 12.24
C VAL A 262 8.22 4.56 10.80
N ASP A 263 9.26 3.78 10.65
CA ASP A 263 9.56 3.21 9.32
C ASP A 263 8.59 2.10 8.83
N PHE A 264 8.21 1.21 9.76
CA PHE A 264 7.37 0.06 9.48
C PHE A 264 6.39 -0.15 10.63
N SER A 265 5.10 -0.25 10.31
CA SER A 265 4.11 -0.57 11.32
C SER A 265 3.31 -1.80 10.89
N PHE A 266 2.72 -2.51 11.83
CA PHE A 266 2.04 -3.82 11.57
C PHE A 266 0.80 -3.87 12.38
N GLU A 267 -0.33 -4.15 11.77
CA GLU A 267 -1.57 -4.36 12.51
C GLU A 267 -1.71 -5.86 12.64
N VAL A 268 -1.72 -6.33 13.89
CA VAL A 268 -1.76 -7.74 14.23
C VAL A 268 -2.85 -8.10 15.20
N ILE A 269 -4.02 -7.47 15.01
CA ILE A 269 -5.17 -7.63 15.89
C ILE A 269 -6.40 -8.09 15.14
N GLY A 270 -6.81 -7.29 14.18
CA GLY A 270 -8.05 -7.51 13.47
C GLY A 270 -9.11 -6.50 13.71
N ARG A 271 -8.75 -5.22 13.92
CA ARG A 271 -9.72 -4.17 14.11
C ARG A 271 -9.51 -3.11 13.03
N LEU A 272 -10.59 -2.57 12.53
CA LEU A 272 -10.52 -1.54 11.50
C LEU A 272 -9.84 -0.30 12.05
N ASP A 273 -10.15 0.10 13.30
CA ASP A 273 -9.58 1.34 13.83
C ASP A 273 -8.05 1.25 13.94
N THR A 274 -7.55 0.12 14.37
CA THR A 274 -6.12 -0.04 14.51
C THR A 274 -5.44 -0.19 13.18
N MET A 275 -6.14 -0.66 12.13
CA MET A 275 -5.56 -0.61 10.84
C MET A 275 -5.28 0.81 10.39
N VAL A 276 -6.22 1.71 10.60
CA VAL A 276 -6.03 3.10 10.17
C VAL A 276 -4.97 3.82 11.06
N THR A 277 -4.93 3.53 12.34
CA THR A 277 -3.92 4.03 13.30
C THR A 277 -2.54 3.56 12.89
N ALA A 278 -2.39 2.29 12.56
CA ALA A 278 -1.12 1.80 12.22
C ALA A 278 -0.60 2.49 10.96
N LEU A 279 -1.45 2.62 9.93
CA LEU A 279 -1.09 3.39 8.77
C LEU A 279 -0.59 4.80 9.16
N SER A 280 -1.40 5.49 9.90
CA SER A 280 -1.11 6.89 10.24
C SER A 280 0.20 7.09 10.94
N CYS A 281 0.57 6.13 11.78
CA CYS A 281 1.82 6.23 12.52
C CYS A 281 3.12 6.01 11.82
N CYS A 282 3.03 5.45 10.61
CA CYS A 282 4.23 5.39 9.79
C CYS A 282 4.52 6.71 9.11
N GLN A 283 5.81 6.97 8.89
CA GLN A 283 6.24 8.25 8.32
C GLN A 283 5.55 8.56 7.00
N GLU A 284 5.04 9.77 6.82
CA GLU A 284 4.12 10.02 5.72
C GLU A 284 4.71 9.99 4.33
N ALA A 285 6.00 10.13 4.17
CA ALA A 285 6.68 10.12 2.90
C ALA A 285 7.27 8.78 2.48
N TYR A 286 7.68 7.96 3.44
CA TYR A 286 8.35 6.71 3.14
C TYR A 286 8.00 5.54 4.04
N GLY A 287 7.04 5.72 4.93
CA GLY A 287 6.57 4.67 5.82
C GLY A 287 5.87 3.54 5.08
N VAL A 288 5.90 2.36 5.69
CA VAL A 288 5.20 1.17 5.17
C VAL A 288 4.38 0.58 6.33
N SER A 289 3.09 0.26 6.10
CA SER A 289 2.24 -0.41 7.06
C SER A 289 1.70 -1.70 6.45
N VAL A 290 1.76 -2.77 7.25
CA VAL A 290 1.30 -4.10 6.81
C VAL A 290 0.15 -4.53 7.74
N ILE A 291 -0.98 -4.91 7.06
CA ILE A 291 -2.11 -5.48 7.81
C ILE A 291 -1.92 -7.01 7.81
N VAL A 292 -1.92 -7.57 9.00
CA VAL A 292 -1.87 -9.01 9.25
C VAL A 292 -3.16 -9.51 9.92
N GLY A 293 -3.78 -8.74 10.82
CA GLY A 293 -4.99 -9.13 11.47
C GLY A 293 -6.19 -9.25 10.51
N VAL A 294 -7.13 -10.09 10.90
CA VAL A 294 -8.35 -10.36 10.12
C VAL A 294 -9.49 -9.62 10.82
N PRO A 295 -10.11 -8.63 10.17
CA PRO A 295 -11.26 -7.96 10.78
C PRO A 295 -12.57 -8.68 10.48
N PRO A 296 -13.62 -8.25 11.20
CA PRO A 296 -14.92 -8.88 10.98
C PRO A 296 -15.43 -8.81 9.55
N ASP A 297 -16.13 -9.89 9.24
CA ASP A 297 -16.75 -10.12 7.96
C ASP A 297 -17.52 -8.89 7.46
N SER A 298 -17.23 -8.46 6.22
CA SER A 298 -18.09 -7.51 5.48
C SER A 298 -18.13 -6.10 6.05
N GLN A 299 -17.11 -5.70 6.80
CA GLN A 299 -17.05 -4.36 7.36
C GLN A 299 -15.95 -3.55 6.65
N ASN A 300 -16.30 -2.33 6.26
CA ASN A 300 -15.37 -1.48 5.53
C ASN A 300 -14.76 -0.50 6.49
N LEU A 301 -13.50 -0.13 6.28
CA LEU A 301 -12.89 0.97 7.05
C LEU A 301 -13.03 2.30 6.26
N SER A 302 -12.88 3.40 6.98
CA SER A 302 -12.83 4.73 6.39
C SER A 302 -11.48 5.39 6.64
N MET A 303 -10.92 6.02 5.61
CA MET A 303 -9.61 6.70 5.77
C MET A 303 -9.44 7.81 4.77
N ASN A 304 -8.50 8.70 5.05
CA ASN A 304 -8.19 9.81 4.18
C ASN A 304 -7.06 9.43 3.26
N PRO A 305 -7.33 9.39 1.96
CA PRO A 305 -6.32 9.01 0.99
C PRO A 305 -5.12 9.95 0.91
N MET A 306 -5.15 11.16 1.50
CA MET A 306 -3.93 11.95 1.63
C MET A 306 -2.86 11.22 2.42
N LEU A 307 -3.26 10.26 3.24
CA LEU A 307 -2.29 9.44 3.94
C LEU A 307 -1.33 8.71 3.03
N LEU A 308 -1.90 8.25 1.93
CA LEU A 308 -1.15 7.56 0.88
C LEU A 308 -0.48 8.48 -0.10
N LEU A 309 -1.12 9.61 -0.45
CA LEU A 309 -0.62 10.49 -1.52
C LEU A 309 0.72 11.07 -1.14
N SER A 310 0.99 11.27 0.14
CA SER A 310 2.26 11.82 0.59
C SER A 310 3.42 10.87 0.48
N GLY A 311 3.14 9.56 0.28
CA GLY A 311 4.15 8.59 0.06
C GLY A 311 4.04 7.29 0.80
N ARG A 312 3.14 7.13 1.75
CA ARG A 312 3.04 5.83 2.47
C ARG A 312 2.67 4.69 1.51
N THR A 313 3.12 3.50 1.90
CA THR A 313 2.74 2.20 1.31
C THR A 313 1.94 1.42 2.34
N TRP A 314 0.84 0.84 1.85
CA TRP A 314 -0.03 0.07 2.72
C TRP A 314 -0.25 -1.29 2.02
N LYS A 315 -0.01 -2.36 2.74
CA LYS A 315 -0.24 -3.67 2.15
C LYS A 315 -0.66 -4.67 3.19
N GLY A 316 -1.12 -5.81 2.72
CA GLY A 316 -1.50 -6.91 3.64
C GLY A 316 -0.92 -8.20 3.10
N ALA A 317 -1.01 -9.25 3.91
CA ALA A 317 -0.60 -10.57 3.43
C ALA A 317 -1.21 -11.69 4.26
N ILE A 318 -1.34 -12.84 3.59
CA ILE A 318 -1.70 -14.13 4.23
C ILE A 318 -0.40 -14.91 4.37
N PHE A 319 -0.24 -15.53 5.53
CA PHE A 319 0.87 -16.46 5.81
C PHE A 319 2.25 -15.85 5.55
N GLY A 320 2.41 -14.58 5.96
CA GLY A 320 3.74 -13.96 5.92
C GLY A 320 4.27 -13.77 4.51
N GLY A 321 3.44 -13.92 3.45
CA GLY A 321 3.93 -13.86 2.11
C GLY A 321 4.60 -15.15 1.64
N PHE A 322 4.74 -16.14 2.53
CA PHE A 322 5.38 -17.39 2.13
C PHE A 322 4.58 -18.27 1.16
N LYS A 323 5.23 -18.72 0.07
CA LYS A 323 4.67 -19.78 -0.76
C LYS A 323 4.72 -21.01 0.18
N SER A 324 3.55 -21.56 0.46
CA SER A 324 3.41 -22.44 1.59
C SER A 324 4.17 -23.75 1.52
N LYS A 325 3.99 -24.49 0.43
CA LYS A 325 4.63 -25.82 0.36
C LYS A 325 6.14 -25.74 0.18
N ASP A 326 6.63 -24.70 -0.51
CA ASP A 326 8.08 -24.51 -0.67
C ASP A 326 8.67 -24.10 0.68
N SER A 327 7.95 -23.23 1.40
CA SER A 327 8.57 -22.57 2.56
C SER A 327 8.49 -23.38 3.85
N VAL A 328 7.39 -24.07 4.10
CA VAL A 328 7.22 -24.77 5.38
C VAL A 328 8.35 -25.76 5.70
N PRO A 329 8.79 -26.61 4.78
CA PRO A 329 9.90 -27.51 5.12
C PRO A 329 11.20 -26.77 5.40
N LYS A 330 11.44 -25.66 4.72
CA LYS A 330 12.65 -24.85 4.95
C LYS A 330 12.61 -24.19 6.28
N LEU A 331 11.46 -23.69 6.66
CA LEU A 331 11.30 -23.12 8.00
C LEU A 331 11.50 -24.15 9.07
N VAL A 332 11.00 -25.37 8.88
CA VAL A 332 11.22 -26.42 9.90
C VAL A 332 12.72 -26.73 9.92
N ALA A 333 13.40 -26.78 8.78
CA ALA A 333 14.85 -27.03 8.78
C ALA A 333 15.60 -25.92 9.51
N ASP A 334 15.18 -24.69 9.30
CA ASP A 334 15.79 -23.54 10.00
C ASP A 334 15.57 -23.64 11.49
N PHE A 335 14.39 -24.04 11.93
CA PHE A 335 14.16 -24.28 13.36
C PHE A 335 15.08 -25.35 13.92
N MET A 336 15.23 -26.45 13.20
CA MET A 336 16.11 -27.54 13.66
C MET A 336 17.58 -27.10 13.75
N ALA A 337 17.94 -26.13 12.90
CA ALA A 337 19.27 -25.52 12.88
C ALA A 337 19.42 -24.32 13.82
N LYS A 338 18.46 -24.17 14.73
CA LYS A 338 18.40 -23.13 15.73
C LYS A 338 18.44 -21.70 15.18
N LYS A 339 17.86 -21.44 14.02
CA LYS A 339 17.80 -20.09 13.47
C LYS A 339 16.77 -19.14 14.11
N PHE A 340 15.73 -19.73 14.70
CA PHE A 340 14.75 -19.00 15.48
C PHE A 340 14.21 -19.94 16.55
N ALA A 341 13.49 -19.36 17.49
CA ALA A 341 12.90 -20.07 18.63
C ALA A 341 11.39 -20.11 18.49
N LEU A 342 10.79 -21.17 18.99
CA LEU A 342 9.32 -21.30 19.06
C LEU A 342 8.78 -21.38 20.49
N ASP A 343 9.62 -21.83 21.45
CA ASP A 343 9.16 -21.94 22.82
C ASP A 343 8.59 -20.65 23.39
N PRO A 344 9.09 -19.44 23.04
CA PRO A 344 8.49 -18.24 23.63
C PRO A 344 7.01 -18.05 23.31
N LEU A 345 6.53 -18.68 22.25
CA LEU A 345 5.16 -18.58 21.86
C LEU A 345 4.24 -19.55 22.63
N ILE A 346 4.81 -20.63 23.16
CA ILE A 346 4.02 -21.73 23.75
C ILE A 346 3.88 -21.53 25.24
N THR A 347 2.69 -21.20 25.68
CA THR A 347 2.42 -20.93 27.10
C THR A 347 1.71 -22.08 27.81
N HIS A 348 1.09 -22.99 27.05
CA HIS A 348 0.27 -24.06 27.64
C HIS A 348 0.27 -25.23 26.65
N VAL A 349 0.35 -26.43 27.20
CA VAL A 349 0.24 -27.66 26.42
C VAL A 349 -0.80 -28.52 27.13
N LEU A 350 -1.91 -28.83 26.42
CA LEU A 350 -3.06 -29.60 26.95
C LEU A 350 -3.39 -30.79 26.09
N PRO A 351 -3.99 -31.84 26.66
CA PRO A 351 -4.54 -32.89 25.81
C PRO A 351 -5.67 -32.33 24.95
N PHE A 352 -5.84 -32.94 23.78
CA PHE A 352 -6.85 -32.53 22.80
C PHE A 352 -8.28 -32.38 23.44
N GLU A 353 -8.58 -33.29 24.36
CA GLU A 353 -9.88 -33.37 24.99
C GLU A 353 -10.21 -32.07 25.77
N LYS A 354 -9.19 -31.27 26.09
CA LYS A 354 -9.36 -29.99 26.77
C LYS A 354 -9.35 -28.79 25.77
N ILE A 355 -9.79 -29.01 24.55
CA ILE A 355 -9.86 -27.93 23.55
C ILE A 355 -10.64 -26.70 24.04
N ASN A 356 -11.78 -26.91 24.69
CA ASN A 356 -12.58 -25.78 25.11
C ASN A 356 -11.86 -24.93 26.15
N GLU A 357 -11.17 -25.60 27.08
CA GLU A 357 -10.34 -24.93 28.08
C GLU A 357 -9.25 -24.09 27.39
N GLY A 358 -8.68 -24.62 26.34
CA GLY A 358 -7.65 -23.89 25.57
C GLY A 358 -8.18 -22.61 24.95
N PHE A 359 -9.38 -22.67 24.43
CA PHE A 359 -10.04 -21.49 23.86
C PHE A 359 -10.36 -20.46 24.93
N ASP A 360 -10.78 -20.95 26.10
CA ASP A 360 -11.03 -20.05 27.22
C ASP A 360 -9.75 -19.31 27.64
N LEU A 361 -8.59 -19.97 27.59
CA LEU A 361 -7.31 -19.31 27.93
C LEU A 361 -7.03 -18.22 26.90
N LEU A 362 -7.29 -18.46 25.62
CA LEU A 362 -7.05 -17.41 24.65
C LEU A 362 -7.99 -16.22 24.82
N ARG A 363 -9.30 -16.48 24.95
CA ARG A 363 -10.28 -15.40 25.08
C ARG A 363 -10.06 -14.55 26.34
N SER A 364 -9.57 -15.17 27.39
CA SER A 364 -9.33 -14.45 28.64
C SER A 364 -8.07 -13.60 28.65
N GLY A 365 -7.19 -13.72 27.66
CA GLY A 365 -5.97 -12.93 27.63
C GLY A 365 -4.77 -13.65 28.24
N GLU A 366 -4.99 -14.88 28.70
CA GLU A 366 -4.02 -15.57 29.54
C GLU A 366 -2.97 -16.38 28.82
N SER A 367 -3.27 -16.81 27.61
CA SER A 367 -2.33 -17.56 26.80
C SER A 367 -1.84 -16.76 25.58
N ILE A 368 -0.74 -17.28 25.04
CA ILE A 368 -0.28 -16.94 23.69
C ILE A 368 -0.72 -18.12 22.83
N ARG A 369 0.13 -19.15 22.72
CA ARG A 369 -0.32 -20.39 22.04
C ARG A 369 -0.46 -21.52 23.05
N THR A 370 -1.63 -22.14 22.96
CA THR A 370 -1.86 -23.43 23.60
C THR A 370 -1.72 -24.47 22.50
N ILE A 371 -0.89 -25.46 22.78
CA ILE A 371 -0.78 -26.61 21.89
C ILE A 371 -1.60 -27.76 22.47
N LEU A 372 -2.47 -28.33 21.62
CA LEU A 372 -3.22 -29.55 21.98
C LEU A 372 -2.54 -30.76 21.46
N THR A 373 -2.43 -31.77 22.29
CA THR A 373 -1.75 -33.00 21.92
C THR A 373 -2.74 -34.15 21.91
N PHE A 374 -2.57 -35.01 20.93
CA PHE A 374 -3.47 -36.13 20.65
C PHE A 374 -3.03 -37.40 21.36
N SER B 1 19.22 49.18 -12.63
CA SER B 1 18.76 47.78 -12.66
C SER B 1 17.44 47.67 -11.87
N THR B 2 16.86 46.47 -11.84
CA THR B 2 15.73 46.20 -10.97
C THR B 2 16.19 45.53 -9.68
N ALA B 3 17.45 45.11 -9.61
CA ALA B 3 17.97 44.44 -8.42
C ALA B 3 17.77 45.34 -7.20
N GLY B 4 17.20 44.76 -6.14
CA GLY B 4 16.98 45.46 -4.87
C GLY B 4 15.74 46.34 -4.83
N LYS B 5 15.05 46.44 -5.95
CA LYS B 5 13.90 47.31 -6.08
C LYS B 5 12.59 46.48 -6.22
N VAL B 6 11.49 47.04 -5.80
CA VAL B 6 10.18 46.50 -6.05
C VAL B 6 9.91 46.52 -7.53
N ILE B 7 9.34 45.43 -8.06
CA ILE B 7 8.91 45.35 -9.46
C ILE B 7 7.40 45.42 -9.50
N LYS B 8 6.86 46.34 -10.31
CA LYS B 8 5.46 46.37 -10.62
C LYS B 8 5.30 45.57 -11.89
N CYS B 9 4.43 44.57 -11.90
CA CYS B 9 4.21 43.74 -13.08
C CYS B 9 2.78 43.20 -13.11
N LYS B 10 2.41 42.49 -14.15
CA LYS B 10 1.09 41.89 -14.18
C LYS B 10 1.11 40.46 -13.61
N ALA B 11 0.04 40.11 -12.91
CA ALA B 11 -0.19 38.74 -12.46
C ALA B 11 -1.65 38.40 -12.54
N ALA B 12 -1.95 37.09 -12.46
CA ALA B 12 -3.31 36.61 -12.34
C ALA B 12 -3.64 36.30 -10.91
N VAL B 13 -4.45 37.18 -10.35
CA VAL B 13 -4.81 37.08 -8.93
C VAL B 13 -6.19 36.39 -8.84
N LEU B 14 -6.31 35.46 -7.90
CA LEU B 14 -7.56 34.81 -7.54
C LEU B 14 -8.03 35.37 -6.22
N TRP B 15 -9.05 36.23 -6.30
CA TRP B 15 -9.56 36.90 -5.12
C TRP B 15 -10.57 36.02 -4.37
N GLU B 16 -11.27 35.12 -5.07
CA GLU B 16 -12.24 34.21 -4.43
C GLU B 16 -12.45 32.95 -5.27
N GLU B 17 -12.97 31.91 -4.63
CA GLU B 17 -13.22 30.63 -5.30
C GLU B 17 -14.27 30.78 -6.36
N LYS B 18 -14.17 29.94 -7.37
CA LYS B 18 -15.20 29.74 -8.35
C LYS B 18 -15.41 30.99 -9.19
N LYS B 19 -14.36 31.81 -9.30
CA LYS B 19 -14.37 33.02 -10.13
C LYS B 19 -13.21 33.02 -11.12
N PRO B 20 -13.32 33.77 -12.21
CA PRO B 20 -12.15 33.97 -13.07
C PRO B 20 -11.02 34.68 -12.34
N PHE B 21 -9.83 34.42 -12.84
CA PHE B 21 -8.64 35.13 -12.42
C PHE B 21 -8.76 36.60 -12.89
N SER B 22 -8.18 37.51 -12.09
CA SER B 22 -8.05 38.92 -12.43
C SER B 22 -6.62 39.25 -12.83
N ILE B 23 -6.43 39.64 -14.10
CA ILE B 23 -5.12 40.02 -14.59
C ILE B 23 -4.92 41.48 -14.32
N GLU B 24 -3.97 41.77 -13.45
CA GLU B 24 -3.78 43.16 -12.95
C GLU B 24 -2.42 43.35 -12.30
N GLU B 25 -2.10 44.60 -11.99
CA GLU B 25 -0.79 44.97 -11.52
C GLU B 25 -0.60 44.53 -10.08
N VAL B 26 0.54 43.91 -9.84
CA VAL B 26 0.97 43.56 -8.49
C VAL B 26 2.35 44.17 -8.24
N GLU B 27 2.74 44.29 -6.98
CA GLU B 27 4.08 44.67 -6.58
C GLU B 27 4.77 43.43 -6.07
N VAL B 28 5.97 43.20 -6.58
CA VAL B 28 6.79 42.04 -6.24
C VAL B 28 8.04 42.60 -5.52
N ALA B 29 8.15 42.21 -4.28
CA ALA B 29 9.26 42.68 -3.44
C ALA B 29 10.56 42.05 -3.90
N PRO B 30 11.69 42.67 -3.61
CA PRO B 30 12.95 42.02 -3.88
C PRO B 30 13.19 40.79 -3.01
N PRO B 31 14.09 39.90 -3.45
CA PRO B 31 14.36 38.69 -2.67
C PRO B 31 15.13 39.00 -1.39
N LYS B 32 14.70 38.34 -0.33
CA LYS B 32 15.44 38.35 0.94
C LYS B 32 16.52 37.27 0.96
N ALA B 33 17.18 37.04 2.10
CA ALA B 33 18.23 36.03 2.17
C ALA B 33 17.71 34.66 1.67
N HIS B 34 18.51 33.97 0.87
CA HIS B 34 18.17 32.61 0.37
C HIS B 34 16.87 32.57 -0.43
N GLU B 35 16.57 33.66 -1.11
CA GLU B 35 15.41 33.77 -2.00
C GLU B 35 15.85 34.20 -3.37
N VAL B 36 15.04 33.85 -4.41
CA VAL B 36 15.35 34.10 -5.77
C VAL B 36 14.16 34.75 -6.45
N ARG B 37 14.35 35.84 -7.19
CA ARG B 37 13.29 36.43 -7.98
C ARG B 37 13.47 36.05 -9.46
N ILE B 38 12.40 35.49 -10.01
CA ILE B 38 12.37 34.95 -11.32
C ILE B 38 11.44 35.69 -12.25
N LYS B 39 11.94 35.91 -13.49
CA LYS B 39 11.15 36.45 -14.60
C LYS B 39 10.57 35.25 -15.33
N MET B 40 9.28 35.12 -15.27
CA MET B 40 8.62 33.98 -15.88
C MET B 40 8.58 34.03 -17.37
N VAL B 41 8.82 32.88 -17.97
CA VAL B 41 8.79 32.75 -19.43
C VAL B 41 7.58 31.93 -19.91
N ALA B 42 7.32 30.81 -19.25
CA ALA B 42 6.20 29.97 -19.58
C ALA B 42 5.64 29.23 -18.37
N THR B 43 4.34 29.03 -18.33
CA THR B 43 3.68 28.26 -17.30
C THR B 43 2.55 27.42 -17.88
N GLY B 44 2.43 26.18 -17.38
CA GLY B 44 1.35 25.29 -17.76
C GLY B 44 0.13 25.38 -16.87
N ILE B 45 -1.03 25.02 -17.41
CA ILE B 45 -2.27 24.97 -16.61
C ILE B 45 -2.44 23.51 -16.22
N CYS B 46 -2.18 23.18 -14.97
CA CYS B 46 -2.38 21.87 -14.38
C CYS B 46 -3.73 21.81 -13.65
N ARG B 47 -4.36 20.64 -13.61
CA ARG B 47 -5.61 20.47 -12.90
C ARG B 47 -5.52 20.92 -11.45
N SER B 48 -4.36 20.79 -10.81
CA SER B 48 -4.27 21.20 -9.43
C SER B 48 -4.49 22.73 -9.27
N ASP B 49 -4.09 23.51 -10.29
CA ASP B 49 -4.37 24.98 -10.25
C ASP B 49 -5.90 25.19 -10.27
N ASP B 50 -6.60 24.43 -11.12
CA ASP B 50 -8.06 24.48 -11.12
C ASP B 50 -8.69 24.02 -9.81
N HIS B 51 -8.06 23.06 -9.13
CA HIS B 51 -8.53 22.63 -7.84
C HIS B 51 -8.55 23.77 -6.83
N VAL B 52 -7.59 24.69 -6.95
CA VAL B 52 -7.58 25.87 -6.10
C VAL B 52 -8.84 26.72 -6.40
N VAL B 53 -9.15 26.93 -7.67
CA VAL B 53 -10.36 27.69 -8.03
C VAL B 53 -11.65 27.03 -7.51
N SER B 54 -11.74 25.72 -7.67
CA SER B 54 -12.95 24.97 -7.29
C SER B 54 -13.09 24.70 -5.78
N GLY B 55 -12.02 24.90 -5.00
CA GLY B 55 -12.04 24.53 -3.61
C GLY B 55 -11.80 23.05 -3.37
N THR B 56 -11.46 22.27 -4.38
CA THR B 56 -11.02 20.89 -4.19
C THR B 56 -9.74 20.85 -3.34
N LEU B 57 -8.84 21.79 -3.63
CA LEU B 57 -7.59 21.89 -2.95
C LEU B 57 -7.66 23.21 -2.20
N VAL B 58 -7.57 23.16 -0.89
CA VAL B 58 -7.75 24.35 -0.06
C VAL B 58 -6.40 24.97 0.27
N THR B 59 -6.24 26.25 -0.07
CA THR B 59 -5.08 27.03 0.29
C THR B 59 -5.58 28.45 0.51
N PRO B 60 -4.90 29.24 1.34
CA PRO B 60 -5.40 30.59 1.63
C PRO B 60 -5.52 31.51 0.43
N LEU B 61 -6.63 32.24 0.40
CA LEU B 61 -6.95 33.26 -0.60
C LEU B 61 -6.94 34.67 0.02
N PRO B 62 -6.70 35.73 -0.76
CA PRO B 62 -6.44 35.72 -2.21
C PRO B 62 -5.08 35.14 -2.51
N VAL B 63 -4.88 34.65 -3.73
CA VAL B 63 -3.67 33.91 -4.01
C VAL B 63 -3.22 34.15 -5.46
N ILE B 64 -1.92 34.01 -5.70
CA ILE B 64 -1.35 33.85 -7.04
C ILE B 64 -1.02 32.36 -7.18
N ALA B 65 -1.80 31.66 -7.96
CA ALA B 65 -1.58 30.24 -8.21
C ALA B 65 -0.52 30.08 -9.27
N GLY B 66 -0.50 28.86 -9.78
CA GLY B 66 0.50 28.47 -10.74
C GLY B 66 1.71 27.81 -10.13
N HIS B 67 2.07 26.65 -10.65
CA HIS B 67 3.13 25.90 -10.07
C HIS B 67 4.01 25.13 -11.05
N GLU B 68 3.56 25.05 -12.29
CA GLU B 68 4.23 24.29 -13.38
C GLU B 68 4.79 25.29 -14.37
N ALA B 69 6.08 25.61 -14.31
CA ALA B 69 6.62 26.79 -15.00
C ALA B 69 8.11 26.74 -15.20
N ALA B 70 8.60 27.64 -16.04
CA ALA B 70 10.01 27.89 -16.21
C ALA B 70 10.27 29.39 -16.48
N GLY B 71 11.43 29.85 -16.02
CA GLY B 71 11.81 31.23 -16.28
C GLY B 71 13.28 31.51 -16.15
N ILE B 72 13.62 32.79 -15.99
CA ILE B 72 15.01 33.25 -15.89
C ILE B 72 15.23 34.07 -14.64
N VAL B 73 16.26 33.73 -13.89
CA VAL B 73 16.57 34.46 -12.66
C VAL B 73 16.86 35.97 -12.93
N GLU B 74 16.06 36.83 -12.32
CA GLU B 74 16.24 38.28 -12.39
C GLU B 74 17.22 38.77 -11.32
N SER B 75 17.15 38.22 -10.11
CA SER B 75 18.08 38.57 -9.03
C SER B 75 18.08 37.47 -7.98
N ILE B 76 19.08 37.50 -7.09
CA ILE B 76 19.18 36.57 -5.99
C ILE B 76 19.42 37.35 -4.71
N GLY B 77 18.88 36.82 -3.63
CA GLY B 77 19.13 37.39 -2.32
C GLY B 77 20.45 36.91 -1.80
N GLU B 78 20.79 37.48 -0.64
CA GLU B 78 22.00 37.14 0.09
C GLU B 78 22.09 35.65 0.42
N GLY B 79 23.23 35.06 0.15
CA GLY B 79 23.57 33.72 0.56
C GLY B 79 23.13 32.64 -0.42
N VAL B 80 22.49 33.04 -1.53
CA VAL B 80 22.08 32.06 -2.57
C VAL B 80 23.31 31.56 -3.29
N THR B 81 23.43 30.25 -3.43
CA THR B 81 24.60 29.63 -4.05
C THR B 81 24.32 28.73 -5.23
N THR B 82 23.06 28.36 -5.44
CA THR B 82 22.70 27.34 -6.44
C THR B 82 22.19 27.88 -7.75
N VAL B 83 21.89 29.17 -7.83
CA VAL B 83 21.55 29.81 -9.05
C VAL B 83 22.13 31.24 -9.07
N ARG B 84 22.12 31.86 -10.24
CA ARG B 84 22.63 33.21 -10.48
C ARG B 84 21.77 33.95 -11.42
N PRO B 85 21.81 35.27 -11.37
CA PRO B 85 21.05 36.04 -12.36
C PRO B 85 21.35 35.60 -13.79
N GLY B 86 20.31 35.47 -14.62
CA GLY B 86 20.42 35.02 -15.99
C GLY B 86 20.27 33.52 -16.16
N ASP B 87 20.32 32.73 -15.08
CA ASP B 87 20.13 31.27 -15.25
C ASP B 87 18.70 30.92 -15.59
N LYS B 88 18.47 29.91 -16.41
CA LYS B 88 17.15 29.32 -16.58
C LYS B 88 16.86 28.37 -15.39
N VAL B 89 15.64 28.44 -14.92
CA VAL B 89 15.18 27.71 -13.74
C VAL B 89 13.74 27.18 -13.88
N ILE B 90 13.49 26.17 -13.07
CA ILE B 90 12.13 25.62 -12.83
C ILE B 90 11.84 25.69 -11.33
N PRO B 91 10.79 26.41 -10.97
CA PRO B 91 10.32 26.38 -9.61
C PRO B 91 9.82 24.99 -9.25
N LEU B 92 9.98 24.66 -7.99
CA LEU B 92 9.75 23.30 -7.46
C LEU B 92 8.61 23.38 -6.41
N ALA B 93 7.43 22.93 -6.77
CA ALA B 93 6.25 22.91 -5.95
C ALA B 93 6.42 21.99 -4.72
N THR B 94 7.24 20.95 -4.86
CA THR B 94 7.76 20.16 -3.74
C THR B 94 9.24 20.57 -3.55
N PRO B 95 9.58 21.20 -2.41
CA PRO B 95 10.97 21.64 -2.19
C PRO B 95 11.89 20.46 -2.00
N GLN B 96 13.18 20.73 -1.95
CA GLN B 96 14.18 19.76 -1.54
C GLN B 96 15.16 20.54 -0.66
N CYS B 97 14.89 20.58 0.66
CA CYS B 97 15.79 21.31 1.57
C CYS B 97 17.14 20.62 1.70
N GLY B 98 17.20 19.32 1.52
CA GLY B 98 18.40 18.57 1.63
C GLY B 98 18.83 18.18 3.04
N LYS B 99 18.07 18.61 4.04
CA LYS B 99 18.44 18.50 5.44
C LYS B 99 17.48 17.71 6.35
N CYS B 100 16.21 17.59 5.94
CA CYS B 100 15.21 16.91 6.74
C CYS B 100 15.32 15.40 6.60
N ARG B 101 14.64 14.66 7.49
CA ARG B 101 14.76 13.20 7.46
C ARG B 101 14.29 12.58 6.13
N VAL B 102 13.34 13.22 5.47
CA VAL B 102 12.79 12.74 4.19
C VAL B 102 13.79 13.01 3.07
N CYS B 103 14.33 14.23 2.99
CA CYS B 103 15.38 14.51 2.02
C CYS B 103 16.58 13.58 2.14
N LYS B 104 16.93 13.17 3.38
CA LYS B 104 18.03 12.22 3.57
C LYS B 104 17.72 10.75 3.35
N HIS B 105 16.43 10.41 3.26
CA HIS B 105 16.02 9.04 3.06
C HIS B 105 16.20 8.64 1.61
N PRO B 106 16.72 7.44 1.30
CA PRO B 106 16.94 7.09 -0.13
C PRO B 106 15.66 7.12 -1.00
N GLU B 107 14.50 6.85 -0.42
CA GLU B 107 13.28 6.81 -1.20
C GLU B 107 12.46 8.10 -1.10
N GLY B 108 12.44 8.74 0.05
CA GLY B 108 11.52 9.86 0.27
C GLY B 108 11.78 11.08 -0.57
N ASN B 109 10.69 11.79 -0.89
CA ASN B 109 10.75 13.03 -1.66
C ASN B 109 9.85 14.13 -1.15
N PHE B 110 8.91 13.80 -0.29
CA PHE B 110 7.94 14.82 0.20
C PHE B 110 8.57 15.58 1.37
N CYS B 111 9.55 16.47 1.00
CA CYS B 111 10.31 17.29 1.98
C CYS B 111 9.37 17.93 2.98
N LEU B 112 9.84 17.92 4.23
CA LEU B 112 9.08 18.47 5.33
C LEU B 112 8.88 20.00 5.27
N LYS B 113 9.58 20.69 4.35
CA LYS B 113 9.33 22.15 4.13
C LYS B 113 8.21 22.46 3.16
N ASN B 114 7.55 21.45 2.64
CA ASN B 114 6.44 21.64 1.73
C ASN B 114 5.32 22.47 2.32
N ASP B 115 4.53 23.12 1.46
CA ASP B 115 3.35 23.87 1.84
C ASP B 115 2.02 23.21 1.48
N LEU B 116 2.03 21.89 1.23
CA LEU B 116 0.83 21.14 0.93
C LEU B 116 0.09 20.59 2.16
N SER B 117 0.79 20.02 3.13
CA SER B 117 0.08 19.36 4.26
C SER B 117 -0.67 20.32 5.12
N MET B 118 -0.07 21.46 5.43
CA MET B 118 -0.67 22.46 6.31
C MET B 118 -0.48 23.81 5.61
N PRO B 119 -1.29 24.11 4.63
CA PRO B 119 -0.96 25.25 3.75
C PRO B 119 -1.00 26.59 4.49
N ARG B 120 0.06 27.37 4.32
CA ARG B 120 0.12 28.75 4.83
C ARG B 120 0.02 29.76 3.66
N GLY B 121 0.51 29.43 2.48
CA GLY B 121 0.48 30.38 1.37
C GLY B 121 1.45 31.53 1.57
N THR B 122 2.64 31.20 2.03
CA THR B 122 3.69 32.18 2.28
C THR B 122 5.01 31.65 1.69
N MET B 123 6.03 32.50 1.74
CA MET B 123 7.44 32.11 1.72
C MET B 123 7.75 31.29 2.97
N GLN B 124 8.91 30.68 2.98
CA GLN B 124 9.35 29.88 4.14
C GLN B 124 9.36 30.71 5.42
N ASP B 125 9.60 32.03 5.33
CA ASP B 125 9.62 32.87 6.52
C ASP B 125 8.26 33.33 7.05
N GLY B 126 7.18 32.85 6.45
CA GLY B 126 5.84 33.07 6.90
C GLY B 126 5.26 34.39 6.43
N THR B 127 5.93 35.06 5.51
CA THR B 127 5.45 36.32 4.92
C THR B 127 5.29 36.20 3.40
N SER B 128 4.68 37.22 2.79
CA SER B 128 4.41 37.29 1.37
C SER B 128 5.23 38.35 0.66
N ARG B 129 5.62 38.12 -0.60
CA ARG B 129 6.34 39.06 -1.42
C ARG B 129 5.48 39.83 -2.40
N PHE B 130 4.17 39.62 -2.36
CA PHE B 130 3.20 40.12 -3.32
C PHE B 130 2.23 41.09 -2.63
N THR B 131 2.00 42.20 -3.29
CA THR B 131 0.96 43.18 -2.91
C THR B 131 0.09 43.48 -4.13
N CYS B 132 -1.22 43.64 -3.96
CA CYS B 132 -2.10 44.03 -5.03
C CYS B 132 -3.20 44.90 -4.47
N ARG B 133 -3.40 46.07 -5.05
CA ARG B 133 -4.32 47.07 -4.52
C ARG B 133 -3.99 47.43 -3.10
N GLY B 134 -2.71 47.37 -2.74
CA GLY B 134 -2.26 47.65 -1.38
C GLY B 134 -2.48 46.49 -0.42
N LYS B 135 -2.99 45.33 -0.88
CA LYS B 135 -3.28 44.19 0.00
C LYS B 135 -2.28 43.07 -0.22
N PRO B 136 -1.81 42.38 0.84
CA PRO B 136 -0.97 41.19 0.68
C PRO B 136 -1.72 40.06 -0.03
N ILE B 137 -0.99 39.36 -0.87
CA ILE B 137 -1.57 38.26 -1.66
C ILE B 137 -0.76 37.02 -1.31
N HIS B 138 -1.44 35.89 -1.08
CA HIS B 138 -0.77 34.61 -0.82
C HIS B 138 -0.01 34.04 -2.00
N HIS B 139 1.02 33.31 -1.63
CA HIS B 139 1.75 32.39 -2.49
C HIS B 139 1.01 31.03 -2.59
N PHE B 140 1.39 30.21 -3.54
CA PHE B 140 0.86 28.87 -3.72
C PHE B 140 2.00 27.89 -3.90
N LEU B 141 2.09 26.92 -2.97
CA LEU B 141 3.10 25.86 -2.96
C LEU B 141 4.54 26.41 -3.03
N GLY B 142 4.78 27.61 -2.46
CA GLY B 142 6.07 28.27 -2.65
C GLY B 142 6.52 28.59 -4.05
N THR B 143 5.62 28.62 -5.04
CA THR B 143 6.00 28.87 -6.43
C THR B 143 5.27 30.09 -7.00
N SER B 144 3.95 30.13 -7.07
CA SER B 144 3.16 31.25 -7.62
C SER B 144 3.68 31.75 -8.94
N THR B 145 3.40 30.95 -9.96
CA THR B 145 3.93 31.17 -11.28
C THR B 145 3.03 31.85 -12.28
N PHE B 146 1.81 32.24 -11.85
CA PHE B 146 0.87 33.03 -12.68
C PHE B 146 1.13 34.53 -12.43
N SER B 147 2.35 34.93 -12.76
CA SER B 147 2.85 36.30 -12.53
C SER B 147 4.09 36.51 -13.41
N GLN B 148 4.27 37.72 -13.95
CA GLN B 148 5.44 38.01 -14.75
C GLN B 148 6.73 37.84 -13.95
N TYR B 149 6.66 38.10 -12.65
CA TYR B 149 7.78 37.88 -11.74
C TYR B 149 7.23 37.21 -10.48
N THR B 150 8.02 36.30 -9.93
CA THR B 150 7.75 35.69 -8.66
C THR B 150 9.04 35.63 -7.84
N VAL B 151 8.86 35.32 -6.57
CA VAL B 151 9.96 35.14 -5.61
C VAL B 151 9.76 33.79 -4.94
N VAL B 152 10.81 32.97 -4.96
CA VAL B 152 10.77 31.64 -4.39
C VAL B 152 11.95 31.45 -3.46
N ASP B 153 11.77 30.60 -2.47
CA ASP B 153 12.85 30.17 -1.67
C ASP B 153 13.88 29.35 -2.48
N GLU B 154 15.18 29.41 -2.15
CA GLU B 154 16.21 28.68 -2.86
C GLU B 154 15.94 27.15 -2.90
N ILE B 155 15.40 26.58 -1.84
CA ILE B 155 15.08 25.12 -1.82
C ILE B 155 13.92 24.75 -2.77
N SER B 156 13.24 25.74 -3.32
CA SER B 156 12.14 25.58 -4.29
C SER B 156 12.51 26.06 -5.72
N VAL B 157 13.77 25.95 -6.10
CA VAL B 157 14.16 26.30 -7.44
C VAL B 157 15.33 25.45 -7.89
N ALA B 158 15.32 25.00 -9.15
CA ALA B 158 16.41 24.22 -9.74
C ALA B 158 16.91 24.96 -10.96
N LYS B 159 18.24 25.10 -11.05
CA LYS B 159 18.93 25.50 -12.28
C LYS B 159 18.83 24.41 -13.30
N ILE B 160 18.59 24.81 -14.54
CA ILE B 160 18.48 23.88 -15.67
C ILE B 160 19.36 24.35 -16.83
N ASP B 161 19.50 23.47 -17.80
CA ASP B 161 20.37 23.69 -18.95
C ASP B 161 20.07 25.07 -19.56
N ALA B 162 21.11 25.84 -19.86
CA ALA B 162 20.95 27.16 -20.49
C ALA B 162 20.36 27.18 -21.87
N ALA B 163 20.41 26.06 -22.55
CA ALA B 163 19.85 25.97 -23.90
C ALA B 163 18.44 25.40 -23.93
N SER B 164 17.82 25.13 -22.79
CA SER B 164 16.53 24.44 -22.90
C SER B 164 15.35 25.33 -23.28
N PRO B 165 14.38 24.73 -24.00
CA PRO B 165 13.22 25.48 -24.49
C PRO B 165 12.18 25.59 -23.37
N LEU B 166 12.13 26.76 -22.73
CA LEU B 166 11.28 26.92 -21.58
C LEU B 166 9.80 26.67 -21.77
N GLU B 167 9.34 26.92 -22.98
CA GLU B 167 7.95 26.72 -23.34
C GLU B 167 7.52 25.23 -23.44
N LYS B 168 8.53 24.35 -23.40
CA LYS B 168 8.30 22.93 -23.28
C LYS B 168 8.61 22.36 -21.90
N VAL B 169 9.80 22.71 -21.40
CA VAL B 169 10.29 22.06 -20.22
C VAL B 169 9.59 22.49 -18.95
N CYS B 170 8.77 23.54 -19.04
CA CYS B 170 7.93 23.85 -17.88
C CYS B 170 7.10 22.65 -17.37
N LEU B 171 6.75 21.69 -18.24
CA LEU B 171 5.95 20.53 -17.85
C LEU B 171 6.73 19.56 -16.94
N ILE B 172 8.08 19.60 -16.96
CA ILE B 172 8.93 18.83 -16.07
C ILE B 172 8.69 19.34 -14.63
N GLY B 173 8.24 20.59 -14.44
CA GLY B 173 7.91 21.11 -13.15
C GLY B 173 6.68 20.55 -12.46
N CYS B 174 5.87 19.78 -13.19
CA CYS B 174 4.79 19.09 -12.44
C CYS B 174 4.30 17.87 -13.27
N GLY B 175 3.53 18.03 -14.32
CA GLY B 175 2.68 16.95 -14.81
C GLY B 175 3.43 15.81 -15.42
N PHE B 176 4.40 16.13 -16.28
CA PHE B 176 5.18 15.05 -16.90
C PHE B 176 5.90 14.19 -15.87
N SER B 177 6.68 14.85 -15.04
CA SER B 177 7.53 14.18 -14.03
C SER B 177 6.68 13.35 -13.06
N THR B 178 5.55 13.90 -12.67
CA THR B 178 4.62 13.19 -11.81
C THR B 178 4.12 11.88 -12.44
N GLY B 179 3.65 11.91 -13.71
CA GLY B 179 3.07 10.72 -14.30
C GLY B 179 4.15 9.71 -14.58
N TYR B 180 5.26 10.19 -15.13
CA TYR B 180 6.35 9.32 -15.56
C TYR B 180 6.92 8.62 -14.36
N GLY B 181 7.29 9.39 -13.34
CA GLY B 181 7.83 8.83 -12.08
C GLY B 181 6.89 7.89 -11.36
N SER B 182 5.61 8.17 -11.42
CA SER B 182 4.60 7.29 -10.77
C SER B 182 4.69 5.88 -11.32
N ALA B 183 4.98 5.75 -12.60
CA ALA B 183 5.10 4.46 -13.21
C ALA B 183 6.49 3.86 -12.99
N VAL B 184 7.57 4.62 -13.29
CA VAL B 184 8.90 4.06 -13.32
C VAL B 184 9.54 3.92 -11.94
N LYS B 185 9.24 4.82 -11.03
CA LYS B 185 9.90 4.96 -9.75
C LYS B 185 9.01 4.45 -8.59
N VAL B 186 7.73 4.82 -8.60
CA VAL B 186 6.83 4.53 -7.48
C VAL B 186 6.25 3.12 -7.65
N ALA B 187 5.54 2.84 -8.76
CA ALA B 187 4.98 1.48 -9.07
C ALA B 187 6.13 0.51 -9.38
N LYS B 188 7.18 0.97 -10.06
CA LYS B 188 8.24 0.12 -10.63
C LYS B 188 7.66 -0.92 -11.57
N VAL B 189 6.97 -0.41 -12.60
CA VAL B 189 6.34 -1.25 -13.58
C VAL B 189 7.42 -2.13 -14.21
N THR B 190 7.06 -3.41 -14.46
CA THR B 190 7.97 -4.41 -14.99
C THR B 190 7.66 -4.72 -16.45
N GLN B 191 8.71 -5.20 -17.09
CA GLN B 191 8.62 -5.65 -18.45
C GLN B 191 7.54 -6.74 -18.58
N GLY B 192 6.71 -6.65 -19.62
CA GLY B 192 5.67 -7.63 -19.91
C GLY B 192 4.41 -7.57 -19.07
N SER B 193 4.34 -6.58 -18.20
CA SER B 193 3.18 -6.46 -17.27
C SER B 193 1.94 -5.80 -17.91
N THR B 194 0.80 -5.95 -17.29
CA THR B 194 -0.43 -5.29 -17.64
C THR B 194 -0.71 -4.16 -16.62
N CYS B 195 -1.01 -2.97 -17.16
CA CYS B 195 -1.22 -1.76 -16.44
C CYS B 195 -2.57 -1.19 -16.78
N ALA B 196 -3.27 -0.61 -15.81
CA ALA B 196 -4.50 0.12 -16.07
C ALA B 196 -4.30 1.54 -15.57
N VAL B 197 -4.64 2.56 -16.34
CA VAL B 197 -4.41 3.98 -16.02
C VAL B 197 -5.76 4.69 -16.05
N PHE B 198 -6.22 5.14 -14.84
CA PHE B 198 -7.49 5.80 -14.75
C PHE B 198 -7.27 7.30 -14.87
N GLY B 199 -7.73 7.92 -15.94
CA GLY B 199 -7.63 9.35 -16.22
C GLY B 199 -6.54 9.58 -17.23
N LEU B 200 -6.92 10.17 -18.39
CA LEU B 200 -6.07 10.36 -19.55
C LEU B 200 -5.87 11.84 -19.88
N GLY B 201 -5.64 12.63 -18.83
CA GLY B 201 -5.20 14.02 -18.94
C GLY B 201 -3.69 14.09 -19.11
N GLY B 202 -3.08 15.25 -18.87
CA GLY B 202 -1.66 15.35 -19.03
C GLY B 202 -0.87 14.42 -18.09
N VAL B 203 -1.31 14.25 -16.84
CA VAL B 203 -0.57 13.37 -15.93
C VAL B 203 -0.80 11.88 -16.32
N GLY B 204 -2.04 11.50 -16.63
CA GLY B 204 -2.29 10.11 -17.00
C GLY B 204 -1.59 9.69 -18.26
N LEU B 205 -1.48 10.61 -19.21
CA LEU B 205 -0.64 10.41 -20.42
C LEU B 205 0.83 10.19 -20.09
N SER B 206 1.35 10.94 -19.09
CA SER B 206 2.70 10.77 -18.71
C SER B 206 2.92 9.44 -17.95
N VAL B 207 1.90 8.95 -17.26
CA VAL B 207 1.95 7.59 -16.60
C VAL B 207 2.03 6.56 -17.74
N ILE B 208 1.24 6.70 -18.82
CA ILE B 208 1.28 5.78 -19.93
C ILE B 208 2.68 5.83 -20.55
N MET B 209 3.23 7.02 -20.75
CA MET B 209 4.57 7.12 -21.26
C MET B 209 5.55 6.31 -20.44
N GLY B 210 5.47 6.44 -19.11
CA GLY B 210 6.29 5.71 -18.16
C GLY B 210 6.07 4.19 -18.25
N CYS B 211 4.81 3.77 -18.26
CA CYS B 211 4.55 2.31 -18.41
C CYS B 211 5.17 1.73 -19.69
N LYS B 212 5.04 2.47 -20.77
CA LYS B 212 5.61 2.05 -22.04
C LYS B 212 7.14 2.01 -21.98
N ALA B 213 7.72 3.02 -21.37
CA ALA B 213 9.18 3.05 -21.21
C ALA B 213 9.69 1.86 -20.40
N ALA B 214 8.89 1.42 -19.43
CA ALA B 214 9.25 0.32 -18.53
C ALA B 214 9.02 -1.05 -19.16
N GLY B 215 8.38 -1.06 -20.32
CA GLY B 215 8.22 -2.28 -21.10
C GLY B 215 6.90 -3.01 -20.85
N ALA B 216 5.87 -2.37 -20.33
CA ALA B 216 4.59 -3.04 -20.16
C ALA B 216 4.10 -3.61 -21.46
N ALA B 217 3.52 -4.79 -21.42
CA ALA B 217 2.89 -5.38 -22.60
C ALA B 217 1.52 -4.87 -22.94
N ARG B 218 0.74 -4.54 -21.92
CA ARG B 218 -0.61 -4.05 -22.08
C ARG B 218 -0.76 -2.85 -21.15
N ILE B 219 -1.37 -1.80 -21.72
CA ILE B 219 -1.61 -0.56 -20.97
C ILE B 219 -3.03 -0.14 -21.32
N ILE B 220 -3.97 -0.31 -20.38
CA ILE B 220 -5.37 -0.08 -20.63
C ILE B 220 -5.71 1.29 -20.06
N GLY B 221 -6.03 2.23 -20.93
CA GLY B 221 -6.51 3.53 -20.45
C GLY B 221 -7.96 3.56 -20.11
N VAL B 222 -8.34 4.28 -19.11
CA VAL B 222 -9.69 4.33 -18.65
C VAL B 222 -10.08 5.80 -18.54
N ASP B 223 -11.12 6.23 -19.22
CA ASP B 223 -11.59 7.61 -19.10
C ASP B 223 -13.06 7.59 -19.51
N ILE B 224 -13.86 8.46 -18.94
CA ILE B 224 -15.25 8.65 -19.34
C ILE B 224 -15.41 9.61 -20.51
N ASN B 225 -14.34 10.27 -20.91
CA ASN B 225 -14.31 11.13 -22.08
C ASN B 225 -13.58 10.43 -23.19
N LYS B 226 -14.32 9.85 -24.15
CA LYS B 226 -13.72 9.02 -25.20
C LYS B 226 -12.87 9.88 -26.15
N ASP B 227 -13.05 11.21 -26.16
CA ASP B 227 -12.17 12.10 -26.93
C ASP B 227 -10.69 12.02 -26.52
N LYS B 228 -10.43 11.45 -25.33
CA LYS B 228 -9.07 11.33 -24.79
C LYS B 228 -8.31 10.08 -25.28
N PHE B 229 -9.02 9.15 -25.95
CA PHE B 229 -8.46 7.85 -26.23
C PHE B 229 -7.44 7.89 -27.37
N ALA B 230 -7.62 8.78 -28.36
CA ALA B 230 -6.73 8.77 -29.51
C ALA B 230 -5.32 9.17 -29.04
N LYS B 231 -5.17 10.22 -28.23
CA LYS B 231 -3.84 10.60 -27.76
C LYS B 231 -3.25 9.56 -26.81
N ALA B 232 -4.09 8.90 -26.02
CA ALA B 232 -3.59 7.88 -25.06
C ALA B 232 -2.96 6.73 -25.85
N LYS B 233 -3.61 6.29 -26.94
CA LYS B 233 -3.05 5.25 -27.85
C LYS B 233 -1.77 5.74 -28.50
N GLU B 234 -1.71 7.02 -28.91
CA GLU B 234 -0.48 7.52 -29.53
C GLU B 234 0.76 7.41 -28.62
N VAL B 235 0.53 7.62 -27.31
CA VAL B 235 1.64 7.59 -26.36
C VAL B 235 1.86 6.22 -25.71
N GLY B 236 1.04 5.22 -26.05
CA GLY B 236 1.34 3.84 -25.67
C GLY B 236 0.21 2.98 -25.15
N ALA B 237 -0.98 3.50 -25.02
CA ALA B 237 -2.09 2.65 -24.54
C ALA B 237 -2.38 1.63 -25.61
N THR B 238 -2.58 0.39 -25.19
CA THR B 238 -2.93 -0.68 -26.11
C THR B 238 -4.43 -0.83 -26.25
N GLU B 239 -5.26 -0.35 -25.34
CA GLU B 239 -6.70 -0.46 -25.40
C GLU B 239 -7.18 0.67 -24.54
N CYS B 240 -8.35 1.19 -24.78
CA CYS B 240 -9.02 2.18 -23.93
C CYS B 240 -10.47 1.78 -23.65
N VAL B 241 -10.95 2.02 -22.44
CA VAL B 241 -12.28 1.67 -22.03
C VAL B 241 -12.92 2.84 -21.33
N ASN B 242 -14.22 3.03 -21.59
CA ASN B 242 -15.05 4.02 -21.04
C ASN B 242 -16.00 3.31 -20.10
N PRO B 243 -15.88 3.50 -18.81
CA PRO B 243 -16.80 2.82 -17.88
C PRO B 243 -18.28 3.01 -18.19
N GLN B 244 -18.67 4.10 -18.84
CA GLN B 244 -20.07 4.35 -19.15
C GLN B 244 -20.60 3.39 -20.23
N ASP B 245 -19.72 2.69 -20.93
CA ASP B 245 -20.12 1.69 -21.92
C ASP B 245 -20.57 0.37 -21.32
N TYR B 246 -20.36 0.13 -20.03
CA TYR B 246 -20.48 -1.19 -19.43
C TYR B 246 -21.58 -1.23 -18.41
N LYS B 247 -22.29 -2.34 -18.38
CA LYS B 247 -23.30 -2.64 -17.37
C LYS B 247 -22.62 -2.95 -16.01
N LYS B 248 -21.50 -3.64 -16.05
CA LYS B 248 -20.82 -4.07 -14.84
C LYS B 248 -19.85 -2.96 -14.35
N PRO B 249 -19.52 -2.93 -13.07
CA PRO B 249 -18.51 -1.96 -12.60
C PRO B 249 -17.15 -2.20 -13.27
N ILE B 250 -16.39 -1.12 -13.45
CA ILE B 250 -15.21 -1.27 -14.30
C ILE B 250 -14.12 -2.17 -13.66
N GLN B 251 -14.13 -2.29 -12.33
CA GLN B 251 -13.16 -3.19 -11.71
C GLN B 251 -13.37 -4.63 -12.19
N GLU B 252 -14.63 -5.02 -12.36
CA GLU B 252 -14.96 -6.37 -12.87
C GLU B 252 -14.58 -6.55 -14.31
N VAL B 253 -14.86 -5.51 -15.10
CA VAL B 253 -14.45 -5.48 -16.50
C VAL B 253 -12.93 -5.64 -16.66
N LEU B 254 -12.16 -4.87 -15.86
CA LEU B 254 -10.70 -4.93 -15.95
C LEU B 254 -10.17 -6.23 -15.44
N THR B 255 -10.77 -6.78 -14.36
CA THR B 255 -10.36 -8.07 -13.83
C THR B 255 -10.55 -9.16 -14.93
N GLU B 256 -11.68 -9.14 -15.63
CA GLU B 256 -11.95 -10.10 -16.68
C GLU B 256 -11.00 -9.88 -17.87
N MET B 257 -10.78 -8.62 -18.26
CA MET B 257 -9.91 -8.34 -19.38
C MET B 257 -8.48 -8.82 -19.15
N SER B 258 -8.02 -8.74 -17.90
CA SER B 258 -6.65 -9.10 -17.52
C SER B 258 -6.55 -10.52 -16.95
N ASN B 259 -7.60 -11.33 -17.18
CA ASN B 259 -7.61 -12.76 -16.77
C ASN B 259 -7.23 -12.90 -15.26
N GLY B 260 -7.84 -12.05 -14.43
CA GLY B 260 -7.75 -12.16 -12.99
C GLY B 260 -7.16 -10.97 -12.24
N GLY B 261 -6.93 -9.85 -12.91
CA GLY B 261 -6.48 -8.60 -12.27
C GLY B 261 -5.25 -8.08 -12.94
N VAL B 262 -5.04 -6.76 -12.92
CA VAL B 262 -3.84 -6.21 -13.56
C VAL B 262 -2.63 -6.19 -12.62
N ASP B 263 -1.44 -6.13 -13.17
CA ASP B 263 -0.22 -6.02 -12.35
C ASP B 263 -0.09 -4.67 -11.60
N PHE B 264 -0.41 -3.58 -12.31
CA PHE B 264 -0.22 -2.19 -11.77
C PHE B 264 -1.41 -1.36 -12.22
N SER B 265 -2.06 -0.68 -11.28
CA SER B 265 -3.10 0.28 -11.65
C SER B 265 -2.72 1.64 -11.09
N PHE B 266 -3.25 2.68 -11.69
CA PHE B 266 -2.94 4.10 -11.31
C PHE B 266 -4.22 4.89 -11.33
N GLU B 267 -4.47 5.61 -10.24
CA GLU B 267 -5.60 6.54 -10.17
C GLU B 267 -5.09 7.95 -10.45
N VAL B 268 -5.47 8.55 -11.53
CA VAL B 268 -4.92 9.78 -12.05
C VAL B 268 -6.04 10.81 -12.34
N ILE B 269 -7.02 10.83 -11.46
CA ILE B 269 -8.16 11.71 -11.59
C ILE B 269 -8.36 12.57 -10.40
N GLY B 270 -8.48 11.94 -9.25
CA GLY B 270 -8.75 12.60 -7.99
C GLY B 270 -10.15 12.30 -7.45
N ARG B 271 -10.68 11.09 -7.62
CA ARG B 271 -12.00 10.78 -7.08
C ARG B 271 -11.87 9.65 -6.10
N LEU B 272 -12.63 9.71 -4.98
CA LEU B 272 -12.60 8.65 -3.99
C LEU B 272 -13.00 7.30 -4.57
N ASP B 273 -14.07 7.30 -5.36
CA ASP B 273 -14.57 6.04 -5.94
C ASP B 273 -13.56 5.36 -6.87
N THR B 274 -12.88 6.14 -7.71
CA THR B 274 -11.92 5.55 -8.62
C THR B 274 -10.64 5.10 -7.90
N MET B 275 -10.32 5.72 -6.74
CA MET B 275 -9.23 5.17 -5.96
C MET B 275 -9.49 3.72 -5.55
N VAL B 276 -10.72 3.45 -5.13
CA VAL B 276 -11.06 2.12 -4.63
C VAL B 276 -11.22 1.13 -5.78
N THR B 277 -11.79 1.56 -6.91
CA THR B 277 -11.92 0.78 -8.10
C THR B 277 -10.53 0.40 -8.58
N ALA B 278 -9.64 1.37 -8.65
CA ALA B 278 -8.30 1.09 -9.14
C ALA B 278 -7.60 0.07 -8.26
N LEU B 279 -7.72 0.17 -6.92
CA LEU B 279 -7.14 -0.88 -6.08
C LEU B 279 -7.74 -2.26 -6.38
N SER B 280 -9.06 -2.30 -6.47
CA SER B 280 -9.81 -3.56 -6.70
C SER B 280 -9.40 -4.27 -7.97
N CYS B 281 -9.14 -3.50 -9.04
CA CYS B 281 -8.77 -4.10 -10.32
C CYS B 281 -7.40 -4.72 -10.44
N CYS B 282 -6.49 -4.39 -9.48
CA CYS B 282 -5.20 -5.09 -9.50
C CYS B 282 -5.30 -6.46 -8.84
N GLN B 283 -4.44 -7.35 -9.33
CA GLN B 283 -4.56 -8.75 -8.95
C GLN B 283 -4.44 -8.87 -7.41
N GLU B 284 -5.28 -9.68 -6.74
CA GLU B 284 -5.48 -9.65 -5.28
C GLU B 284 -4.30 -10.12 -4.52
N ALA B 285 -3.42 -10.91 -5.09
CA ALA B 285 -2.30 -11.48 -4.37
C ALA B 285 -1.00 -10.74 -4.59
N TYR B 286 -0.82 -10.05 -5.70
CA TYR B 286 0.48 -9.41 -6.00
C TYR B 286 0.35 -8.07 -6.77
N GLY B 287 -0.84 -7.61 -6.98
CA GLY B 287 -1.11 -6.32 -7.63
C GLY B 287 -0.66 -5.11 -6.80
N VAL B 288 -0.31 -4.05 -7.55
CA VAL B 288 0.11 -2.77 -6.94
C VAL B 288 -0.81 -1.69 -7.54
N SER B 289 -1.29 -0.79 -6.70
CA SER B 289 -2.13 0.36 -7.14
C SER B 289 -1.52 1.63 -6.56
N VAL B 290 -1.34 2.63 -7.45
CA VAL B 290 -0.74 3.93 -7.03
C VAL B 290 -1.78 5.03 -7.25
N ILE B 291 -1.98 5.79 -6.17
CA ILE B 291 -2.83 6.97 -6.21
C ILE B 291 -1.91 8.19 -6.56
N VAL B 292 -2.30 8.83 -7.64
CA VAL B 292 -1.73 10.08 -8.19
C VAL B 292 -2.66 11.28 -8.10
N GLY B 293 -3.95 11.08 -8.28
CA GLY B 293 -4.92 12.15 -8.31
C GLY B 293 -5.08 12.72 -6.90
N VAL B 294 -5.46 14.00 -6.81
CA VAL B 294 -5.64 14.73 -5.56
C VAL B 294 -7.12 14.67 -5.23
N PRO B 295 -7.41 14.08 -4.04
CA PRO B 295 -8.77 13.90 -3.60
C PRO B 295 -9.37 15.24 -3.16
N PRO B 296 -10.70 15.35 -3.07
CA PRO B 296 -11.32 16.56 -2.52
C PRO B 296 -11.05 16.72 -1.05
N ASP B 297 -10.89 17.99 -0.68
CA ASP B 297 -10.35 18.35 0.63
C ASP B 297 -11.13 17.67 1.74
N SER B 298 -10.38 17.07 2.68
CA SER B 298 -10.92 16.51 3.90
C SER B 298 -11.93 15.39 3.77
N GLN B 299 -12.06 14.74 2.62
CA GLN B 299 -13.04 13.66 2.42
C GLN B 299 -12.36 12.29 2.53
N ASN B 300 -13.01 11.39 3.25
CA ASN B 300 -12.51 10.02 3.42
C ASN B 300 -13.15 9.06 2.46
N LEU B 301 -12.40 8.03 2.02
CA LEU B 301 -12.94 6.91 1.19
C LEU B 301 -13.30 5.77 2.16
N SER B 302 -14.14 4.86 1.68
CA SER B 302 -14.54 3.66 2.39
C SER B 302 -14.00 2.46 1.60
N MET B 303 -13.39 1.49 2.26
CA MET B 303 -12.93 0.30 1.55
C MET B 303 -12.88 -0.91 2.48
N ASN B 304 -12.83 -2.08 1.85
CA ASN B 304 -12.75 -3.36 2.56
C ASN B 304 -11.30 -3.77 2.70
N PRO B 305 -10.76 -3.88 3.92
CA PRO B 305 -9.37 -4.23 4.05
C PRO B 305 -9.00 -5.65 3.64
N MET B 306 -9.97 -6.53 3.35
CA MET B 306 -9.64 -7.82 2.74
C MET B 306 -8.98 -7.62 1.39
N LEU B 307 -9.19 -6.46 0.73
CA LEU B 307 -8.52 -6.21 -0.52
C LEU B 307 -7.00 -6.19 -0.34
N LEU B 308 -6.55 -5.67 0.82
CA LEU B 308 -5.15 -5.66 1.16
C LEU B 308 -4.61 -6.98 1.73
N LEU B 309 -5.41 -7.64 2.57
CA LEU B 309 -4.94 -8.81 3.32
C LEU B 309 -4.55 -9.92 2.34
N SER B 310 -5.22 -10.06 1.17
CA SER B 310 -4.85 -11.05 0.18
C SER B 310 -3.45 -10.90 -0.44
N GLY B 311 -2.90 -9.66 -0.34
CA GLY B 311 -1.60 -9.41 -0.90
C GLY B 311 -1.41 -8.12 -1.70
N ARG B 312 -2.46 -7.35 -1.96
CA ARG B 312 -2.28 -6.10 -2.74
C ARG B 312 -1.40 -5.09 -1.97
N THR B 313 -0.70 -4.24 -2.74
CA THR B 313 0.02 -3.07 -2.21
C THR B 313 -0.69 -1.85 -2.73
N TRP B 314 -0.85 -0.85 -1.87
CA TRP B 314 -1.54 0.39 -2.25
C TRP B 314 -0.61 1.53 -1.76
N LYS B 315 -0.30 2.47 -2.66
CA LYS B 315 0.60 3.58 -2.22
C LYS B 315 0.23 4.83 -3.00
N GLY B 316 0.73 5.95 -2.59
CA GLY B 316 0.51 7.17 -3.35
C GLY B 316 1.87 7.90 -3.43
N ALA B 317 1.89 8.95 -4.22
CA ALA B 317 3.12 9.79 -4.24
C ALA B 317 2.83 11.18 -4.80
N ILE B 318 3.68 12.11 -4.35
CA ILE B 318 3.78 13.44 -4.91
C ILE B 318 4.95 13.48 -5.89
N PHE B 319 4.72 14.12 -7.08
CA PHE B 319 5.79 14.47 -8.01
C PHE B 319 6.52 13.21 -8.46
N GLY B 320 5.78 12.10 -8.61
CA GLY B 320 6.33 10.88 -9.15
C GLY B 320 7.40 10.22 -8.33
N GLY B 321 7.47 10.58 -7.05
CA GLY B 321 8.51 10.12 -6.19
C GLY B 321 9.88 10.77 -6.37
N PHE B 322 10.02 11.73 -7.28
CA PHE B 322 11.32 12.32 -7.52
C PHE B 322 11.72 13.33 -6.46
N LYS B 323 12.96 13.26 -6.00
CA LYS B 323 13.55 14.31 -5.15
C LYS B 323 13.71 15.48 -6.13
N SER B 324 13.08 16.60 -5.80
CA SER B 324 12.81 17.58 -6.82
C SER B 324 14.02 18.29 -7.40
N LYS B 325 14.88 18.82 -6.52
CA LYS B 325 15.98 19.64 -7.02
C LYS B 325 17.05 18.77 -7.67
N ASP B 326 17.32 17.54 -7.18
CA ASP B 326 18.26 16.63 -7.83
C ASP B 326 17.70 16.23 -9.21
N SER B 327 16.39 15.98 -9.25
CA SER B 327 15.81 15.29 -10.40
C SER B 327 15.49 16.21 -11.57
N VAL B 328 14.95 17.40 -11.31
CA VAL B 328 14.54 18.28 -12.38
C VAL B 328 15.62 18.62 -13.41
N PRO B 329 16.85 18.94 -13.03
CA PRO B 329 17.85 19.19 -14.09
C PRO B 329 18.16 17.94 -14.89
N LYS B 330 18.20 16.80 -14.26
CA LYS B 330 18.47 15.56 -14.98
C LYS B 330 17.33 15.25 -15.99
N LEU B 331 16.08 15.45 -15.57
CA LEU B 331 14.97 15.27 -16.48
C LEU B 331 15.09 16.23 -17.64
N VAL B 332 15.44 17.50 -17.41
CA VAL B 332 15.64 18.42 -18.52
C VAL B 332 16.76 17.93 -19.47
N ALA B 333 17.85 17.42 -18.90
CA ALA B 333 18.99 16.92 -19.70
C ALA B 333 18.52 15.74 -20.56
N ASP B 334 17.64 14.90 -19.98
CA ASP B 334 17.17 13.73 -20.71
C ASP B 334 16.20 14.19 -21.79
N PHE B 335 15.39 15.21 -21.57
CA PHE B 335 14.53 15.76 -22.60
C PHE B 335 15.38 16.30 -23.77
N MET B 336 16.44 17.02 -23.45
CA MET B 336 17.30 17.60 -24.46
C MET B 336 17.95 16.52 -25.31
N ALA B 337 18.22 15.37 -24.71
CA ALA B 337 18.75 14.17 -25.33
C ALA B 337 17.67 13.29 -25.93
N LYS B 338 16.45 13.80 -26.03
CA LYS B 338 15.36 13.07 -26.69
C LYS B 338 15.00 11.75 -26.02
N LYS B 339 15.21 11.60 -24.72
CA LYS B 339 14.79 10.39 -24.01
C LYS B 339 13.30 10.21 -23.74
N PHE B 340 12.55 11.29 -23.82
CA PHE B 340 11.10 11.31 -23.75
C PHE B 340 10.64 12.57 -24.50
N ALA B 341 9.36 12.57 -24.82
CA ALA B 341 8.72 13.64 -25.60
C ALA B 341 7.72 14.38 -24.72
N LEU B 342 7.63 15.70 -24.92
CA LEU B 342 6.68 16.57 -24.25
C LEU B 342 5.59 17.13 -25.12
N ASP B 343 5.89 17.23 -26.42
CA ASP B 343 4.93 17.76 -27.36
C ASP B 343 3.56 17.05 -27.31
N PRO B 344 3.48 15.74 -27.12
CA PRO B 344 2.15 15.11 -27.05
C PRO B 344 1.22 15.62 -25.99
N LEU B 345 1.81 16.25 -24.98
CA LEU B 345 1.04 16.80 -23.88
C LEU B 345 0.51 18.21 -24.16
N ILE B 346 1.14 18.92 -25.09
CA ILE B 346 0.84 20.33 -25.37
C ILE B 346 -0.17 20.43 -26.50
N THR B 347 -1.39 20.79 -26.16
CA THR B 347 -2.45 20.85 -27.16
C THR B 347 -2.80 22.28 -27.52
N HIS B 348 -2.43 23.27 -26.67
CA HIS B 348 -2.81 24.68 -26.87
C HIS B 348 -1.73 25.57 -26.30
N VAL B 349 -1.52 26.68 -26.97
CA VAL B 349 -0.64 27.73 -26.50
C VAL B 349 -1.41 29.07 -26.52
N LEU B 350 -1.23 29.86 -25.47
CA LEU B 350 -1.88 31.15 -25.33
C LEU B 350 -0.96 32.12 -24.66
N PRO B 351 -1.15 33.41 -24.93
CA PRO B 351 -0.47 34.40 -24.09
C PRO B 351 -1.02 34.36 -22.68
N PHE B 352 -0.20 34.73 -21.73
CA PHE B 352 -0.58 34.77 -20.32
C PHE B 352 -1.90 35.53 -20.10
N GLU B 353 -2.03 36.62 -20.82
CA GLU B 353 -3.19 37.48 -20.71
C GLU B 353 -4.52 36.74 -20.98
N LYS B 354 -4.45 35.61 -21.70
CA LYS B 354 -5.62 34.78 -21.99
C LYS B 354 -5.73 33.54 -21.03
N ILE B 355 -5.23 33.69 -19.81
CA ILE B 355 -5.29 32.59 -18.83
C ILE B 355 -6.72 32.09 -18.58
N ASN B 356 -7.72 32.94 -18.52
CA ASN B 356 -9.07 32.45 -18.28
C ASN B 356 -9.58 31.54 -19.40
N GLU B 357 -9.24 31.90 -20.64
CA GLU B 357 -9.55 31.05 -21.78
C GLU B 357 -8.85 29.68 -21.63
N GLY B 358 -7.59 29.66 -21.20
CA GLY B 358 -6.87 28.41 -20.96
C GLY B 358 -7.56 27.52 -19.90
N PHE B 359 -8.10 28.11 -18.84
CA PHE B 359 -8.89 27.35 -17.88
C PHE B 359 -10.22 26.85 -18.44
N ASP B 360 -10.85 27.65 -19.27
CA ASP B 360 -12.09 27.19 -19.99
C ASP B 360 -11.78 25.94 -20.85
N LEU B 361 -10.64 25.94 -21.53
CA LEU B 361 -10.24 24.79 -22.36
C LEU B 361 -10.05 23.54 -21.51
N LEU B 362 -9.45 23.67 -20.34
CA LEU B 362 -9.27 22.54 -19.43
C LEU B 362 -10.63 22.03 -18.98
N ARG B 363 -11.46 22.92 -18.47
CA ARG B 363 -12.73 22.51 -17.90
C ARG B 363 -13.67 21.88 -18.92
N SER B 364 -13.63 22.31 -20.16
CA SER B 364 -14.51 21.77 -21.17
C SER B 364 -14.10 20.38 -21.63
N GLY B 365 -12.92 19.92 -21.23
CA GLY B 365 -12.39 18.65 -21.63
C GLY B 365 -11.59 18.71 -22.92
N GLU B 366 -11.47 19.89 -23.52
CA GLU B 366 -10.79 20.04 -24.80
C GLU B 366 -9.28 19.95 -24.79
N SER B 367 -8.65 20.44 -23.71
CA SER B 367 -7.18 20.51 -23.73
C SER B 367 -6.57 19.35 -22.93
N ILE B 368 -5.29 19.13 -23.14
CA ILE B 368 -4.44 18.42 -22.15
C ILE B 368 -3.68 19.48 -21.40
N ARG B 369 -2.58 19.96 -21.99
CA ARG B 369 -1.91 21.10 -21.37
C ARG B 369 -1.93 22.30 -22.34
N THR B 370 -2.36 23.42 -21.76
CA THR B 370 -2.19 24.73 -22.39
C THR B 370 -0.95 25.33 -21.74
N ILE B 371 -0.06 25.84 -22.55
CA ILE B 371 1.13 26.56 -22.10
C ILE B 371 0.84 28.04 -22.33
N LEU B 372 1.05 28.84 -21.29
CA LEU B 372 0.91 30.31 -21.32
C LEU B 372 2.30 30.93 -21.42
N THR B 373 2.43 31.91 -22.31
CA THR B 373 3.69 32.63 -22.53
C THR B 373 3.61 34.03 -22.04
N PHE B 374 4.63 34.46 -21.31
CA PHE B 374 4.72 35.82 -20.80
C PHE B 374 5.25 36.84 -21.79
ZN ZN C . -3.90 -19.16 11.95
ZN ZN D . -1.79 -22.00 -7.06
PA NAD E . -4.24 -12.98 19.75
O1A NAD E . -5.62 -12.91 20.24
O2A NAD E . -3.36 -13.95 20.48
O5B NAD E . -3.49 -11.52 19.90
C5B NAD E . -4.19 -10.29 19.58
C4B NAD E . -3.61 -9.27 20.56
O4B NAD E . -4.24 -8.01 20.29
C3B NAD E . -3.89 -9.53 22.08
O3B NAD E . -2.67 -9.58 22.78
C2B NAD E . -4.87 -8.40 22.48
O2B NAD E . -4.69 -8.00 23.80
C1B NAD E . -4.48 -7.29 21.44
N9A NAD E . -5.50 -6.27 21.26
C8A NAD E . -6.86 -6.44 21.22
N7A NAD E . -7.49 -5.30 21.02
C5A NAD E . -6.51 -4.35 20.92
C6A NAD E . -6.57 -2.95 20.70
N6A NAD E . -7.70 -2.29 20.44
N1A NAD E . -5.37 -2.34 20.69
C2A NAD E . -4.18 -2.98 20.78
N3A NAD E . -4.08 -4.28 21.04
C4A NAD E . -5.27 -4.93 21.06
O3 NAD E . -4.30 -13.33 18.24
PN NAD E . -3.22 -13.95 17.18
O1N NAD E . -3.40 -15.44 17.06
O2N NAD E . -1.92 -13.38 17.54
O5D NAD E . -3.82 -13.38 15.86
C5D NAD E . -3.75 -11.95 15.64
C4D NAD E . -4.57 -11.64 14.38
O4D NAD E . -3.95 -12.16 13.18
C3D NAD E . -6.02 -12.20 14.33
O3D NAD E . -6.95 -11.30 13.77
C2D NAD E . -5.87 -13.46 13.48
O2D NAD E . -7.09 -13.89 12.88
C1D NAD E . -4.91 -12.90 12.42
N1N NAD E . -4.11 -13.92 11.72
C2N NAD E . -3.79 -13.65 10.42
C3N NAD E . -3.04 -14.48 9.61
C7N NAD E . -2.65 -14.11 8.23
O7N NAD E . -2.26 -15.04 7.53
N7N NAD E . -2.76 -12.84 7.85
C4N NAD E . -2.52 -15.66 10.24
C5N NAD E . -2.77 -15.85 11.58
C6N NAD E . -3.59 -15.01 12.32
ZN ZN F . 0.52 20.13 -10.94
ZN ZN G . 13.69 18.35 3.15
PA NAD H . -7.04 16.31 -16.10
O1A NAD H . -8.30 16.88 -15.55
O2A NAD H . -6.51 16.83 -17.36
O5B NAD H . -7.28 14.72 -16.41
C5B NAD H . -8.20 13.98 -15.57
C4B NAD H . -8.96 13.04 -16.50
O4B NAD H . -9.81 12.22 -15.68
C3B NAD H . -9.80 13.70 -17.60
O3B NAD H . -9.35 13.28 -18.89
C2B NAD H . -11.21 13.26 -17.21
O2B NAD H . -12.09 13.04 -18.34
C1B NAD H . -10.95 11.95 -16.47
N9A NAD H . -11.98 11.52 -15.58
C8A NAD H . -12.80 12.37 -14.86
N7A NAD H . -13.66 11.68 -14.11
C5A NAD H . -13.49 10.39 -14.45
C6A NAD H . -14.11 9.20 -14.01
N6A NAD H . -15.13 9.13 -13.17
N1A NAD H . -13.57 8.08 -14.58
C2A NAD H . -12.52 8.03 -15.45
N3A NAD H . -11.95 9.13 -15.90
C4A NAD H . -12.44 10.25 -15.39
O3 NAD H . -5.99 16.40 -14.90
PN NAD H . -4.41 16.26 -14.81
O1N NAD H . -3.78 17.62 -14.86
O2N NAD H . -3.99 15.11 -15.69
O5D NAD H . -4.34 15.83 -13.30
C5D NAD H . -4.88 14.56 -12.87
C4D NAD H . -4.99 14.54 -11.35
O4D NAD H . -3.66 14.48 -10.80
C3D NAD H . -5.69 15.75 -10.75
O3D NAD H . -6.35 15.33 -9.57
C2D NAD H . -4.48 16.56 -10.23
O2D NAD H . -4.76 17.46 -9.21
C1D NAD H . -3.49 15.48 -9.80
N1N NAD H . -2.07 15.82 -9.76
C2N NAD H . -1.32 15.19 -8.80
C3N NAD H . 0.06 15.40 -8.71
C7N NAD H . 0.88 14.69 -7.69
O7N NAD H . 2.08 15.09 -7.49
N7N NAD H . 0.40 13.57 -7.06
C4N NAD H . 0.70 16.25 -9.65
C5N NAD H . -0.11 16.69 -10.70
C6N NAD H . -1.49 16.58 -10.72
C1 PFB I . -1.18 37.47 5.77
C2 PFB I . -2.17 37.75 4.83
C3 PFB I . -1.92 37.51 3.49
C4 PFB I . -0.70 37.03 3.11
C5 PFB I . 0.30 36.76 4.04
C6 PFB I . 0.06 36.98 5.37
C7 PFB I . -1.42 37.69 7.10
F2 PFB I . -3.38 38.23 5.19
F3 PFB I . -2.85 37.75 2.57
F4 PFB I . -0.51 36.83 1.81
F5 PFB I . 1.50 36.28 3.67
F6 PFB I . 1.06 36.70 6.24
O1 PFB I . -1.77 39.05 7.23
C1 PFB J . -11.38 -13.34 3.69
C2 PFB J . -10.35 -13.19 4.59
C3 PFB J . -9.09 -12.79 4.15
C4 PFB J . -8.87 -12.54 2.82
C5 PFB J . -9.89 -12.68 1.91
C6 PFB J . -11.14 -13.08 2.35
C7 PFB J . -12.63 -13.74 4.11
F2 PFB J . -10.58 -13.44 5.90
F3 PFB J . -8.04 -12.63 4.97
F4 PFB J . -7.66 -12.15 2.41
F5 PFB J . -9.66 -12.42 0.62
F6 PFB J . -12.12 -13.22 1.45
O1 PFB J . -13.61 -13.00 3.42
C1 MPD K . 0.17 17.69 -6.11
C2 MPD K . 0.19 19.20 -5.79
O2 MPD K . 0.74 19.90 -6.97
CM MPD K . -1.25 19.63 -5.45
C3 MPD K . 1.14 19.45 -4.63
C4 MPD K . 2.66 19.30 -4.82
O4 MPD K . 3.18 20.12 -5.81
C5 MPD K . 3.48 19.58 -3.55
#